data_8K1X
#
_entry.id   8K1X
#
_cell.length_a   206.960
_cell.length_b   121.790
_cell.length_c   64.210
_cell.angle_alpha   90.00
_cell.angle_beta   91.45
_cell.angle_gamma   90.00
#
_symmetry.space_group_name_H-M   'C 1 2 1'
#
loop_
_entity.id
_entity.type
_entity.pdbx_description
1 polymer 'Cytochrome P450'
2 non-polymer 'PROTOPORPHYRIN IX CONTAINING FE'
3 non-polymer 13-(3-Amino-2,3,6-trideoxy-alpha-L-ribo-hexopyranosyl)-6,7,12,13-tetrahydro-5H-indolo[2,3-a]pyrrolo[3,4-c]carbazol-5-one
4 water water
#
_entity_poly.entity_id   1
_entity_poly.type   'polypeptide(L)'
_entity_poly.pdbx_seq_one_letter_code
;HHHHHHSSGLVPRGSHMNVTTKTGLAEAPEAHMPTDPGPFDCMPELLAAARVAPVVRIPYLGRHAWVVCDPELVRTALTH
PLLAKDVTLVPDWMRKPGLMLGSQPDPEFARTMIMSDGAHHARIRRLHASILSPRNTERWGERVEAKVGGFLDELEASRS
TETAEVNVVTAYTHRIPLAFISEMLGLPLEAERRLRSITDVILYSDDYPARGAAVGALYGAVESWVRDPAPLREGVITDL
LAPADSPEDQVTEGEAIVWTFAMIITGYETTGSLISASLFEALRRPPEERPRTDEEIKGWVEEALRVHPPFPHPTWRFAT
EDIDLGGYLIPEGAPVQVNLAAANRGPEEGPDCFTPERQGRGHLSFGLGMHYCIGASLARLEAQIALRGFLRRFPEARLS
PATQAATEAGGGVEWESEWMIRRMIVLPAEVGLEHHHHHH
;
_entity_poly.pdbx_strand_id   A,B,C
#
loop_
_chem_comp.id
_chem_comp.type
_chem_comp.name
_chem_comp.formula
HEM non-polymer 'PROTOPORPHYRIN IX CONTAINING FE' 'C34 H32 Fe N4 O4'
VI4 non-polymer 13-(3-Amino-2,3,6-trideoxy-alpha-L-ribo-hexopyranosyl)-6,7,12,13-tetrahydro-5H-indolo[2,3-a]pyrrolo[3,4-c]carbazol-5-one 'C26 H24 N4 O3'
#
# COMPACT_ATOMS: atom_id res chain seq x y z
N ALA A 26 3.75 -14.90 -0.47
CA ALA A 26 4.28 -15.33 0.82
C ALA A 26 3.22 -16.08 1.64
N GLU A 27 3.65 -17.15 2.30
CA GLU A 27 2.76 -17.93 3.15
C GLU A 27 2.71 -17.33 4.56
N ALA A 28 1.56 -17.41 5.19
CA ALA A 28 1.39 -16.86 6.52
C ALA A 28 1.97 -17.81 7.56
N PRO A 29 2.76 -17.32 8.51
CA PRO A 29 3.36 -18.21 9.51
C PRO A 29 2.32 -18.71 10.51
N GLU A 30 2.76 -19.65 11.34
CA GLU A 30 1.88 -20.37 12.27
C GLU A 30 2.02 -19.81 13.67
N ALA A 31 0.88 -19.49 14.29
CA ALA A 31 0.83 -19.12 15.70
C ALA A 31 -0.23 -19.95 16.41
N HIS A 32 -0.52 -19.64 17.67
CA HIS A 32 -1.40 -20.48 18.48
C HIS A 32 -2.34 -19.62 19.31
N MET A 33 -3.64 -19.84 19.13
CA MET A 33 -4.70 -19.23 19.91
C MET A 33 -5.52 -20.32 20.61
N PRO A 34 -6.02 -20.05 21.81
CA PRO A 34 -6.90 -21.03 22.48
C PRO A 34 -8.24 -21.12 21.76
N THR A 35 -8.54 -22.30 21.21
CA THR A 35 -9.71 -22.51 20.37
C THR A 35 -10.92 -23.07 21.12
N ASP A 36 -10.74 -23.55 22.35
CA ASP A 36 -11.85 -24.10 23.11
C ASP A 36 -12.10 -23.29 24.38
N PRO A 37 -13.36 -23.01 24.71
CA PRO A 37 -13.63 -22.10 25.81
C PRO A 37 -13.39 -22.73 27.18
N GLY A 38 -12.87 -21.92 28.10
CA GLY A 38 -12.63 -22.35 29.45
C GLY A 38 -12.65 -21.18 30.42
N PRO A 39 -12.33 -21.45 31.69
CA PRO A 39 -12.36 -20.38 32.72
C PRO A 39 -11.04 -19.62 32.83
N PHE A 40 -10.75 -18.83 31.80
CA PHE A 40 -9.53 -18.04 31.76
C PHE A 40 -9.77 -16.84 30.85
N ASP A 41 -8.85 -15.88 30.93
CA ASP A 41 -8.82 -14.76 29.99
C ASP A 41 -7.73 -15.05 28.97
N CYS A 42 -8.15 -15.27 27.73
CA CYS A 42 -7.25 -15.61 26.65
C CYS A 42 -6.63 -14.39 25.97
N MET A 43 -6.90 -13.18 26.46
CA MET A 43 -6.45 -11.96 25.82
C MET A 43 -4.94 -11.90 25.58
N PRO A 44 -4.08 -12.16 26.57
CA PRO A 44 -2.64 -12.09 26.28
C PRO A 44 -2.17 -13.07 25.22
N GLU A 45 -2.88 -14.19 25.07
CA GLU A 45 -2.52 -15.15 24.03
C GLU A 45 -2.91 -14.66 22.66
N LEU A 46 -4.01 -13.92 22.55
CA LEU A 46 -4.45 -13.44 21.25
C LEU A 46 -3.63 -12.25 20.79
N LEU A 47 -3.24 -11.36 21.70
CA LEU A 47 -2.40 -10.23 21.31
C LEU A 47 -0.98 -10.68 21.02
N ALA A 48 -0.56 -11.82 21.58
CA ALA A 48 0.75 -12.36 21.29
C ALA A 48 0.81 -12.94 19.88
N ALA A 49 -0.29 -13.51 19.40
CA ALA A 49 -0.37 -14.05 18.04
C ALA A 49 -0.42 -12.97 16.97
N ALA A 50 -0.91 -11.77 17.29
CA ALA A 50 -0.86 -10.66 16.35
C ALA A 50 0.56 -10.16 16.16
N ARG A 51 1.44 -10.38 17.13
CA ARG A 51 2.84 -10.00 17.01
C ARG A 51 3.63 -10.92 16.10
N VAL A 52 3.04 -12.02 15.65
CA VAL A 52 3.76 -12.96 14.79
C VAL A 52 3.89 -12.41 13.38
N ALA A 53 2.78 -11.99 12.80
CA ALA A 53 2.77 -11.44 11.45
C ALA A 53 1.42 -10.75 11.23
N PRO A 54 1.26 -9.87 10.20
CA PRO A 54 -0.04 -9.30 9.90
C PRO A 54 -1.07 -10.38 9.55
N VAL A 55 -0.63 -11.48 8.94
CA VAL A 55 -1.55 -12.61 8.63
C VAL A 55 -0.93 -13.85 9.26
N VAL A 56 -1.74 -14.68 9.93
CA VAL A 56 -1.19 -15.85 10.68
C VAL A 56 -2.07 -17.08 10.43
N ARG A 57 -1.51 -18.27 10.61
CA ARG A 57 -2.29 -19.54 10.45
C ARG A 57 -2.29 -20.27 11.78
N ILE A 58 -3.48 -20.56 12.31
CA ILE A 58 -3.58 -21.21 13.62
C ILE A 58 -4.14 -22.61 13.46
N PRO A 59 -3.72 -23.56 14.30
CA PRO A 59 -4.33 -24.90 14.27
C PRO A 59 -5.77 -24.84 14.80
N TYR A 60 -6.69 -25.40 14.02
CA TYR A 60 -8.10 -25.37 14.38
C TYR A 60 -8.79 -26.60 13.83
N LEU A 61 -9.28 -27.46 14.72
CA LEU A 61 -10.06 -28.63 14.35
C LEU A 61 -9.26 -29.57 13.44
N GLY A 62 -7.98 -29.72 13.72
CA GLY A 62 -7.11 -30.61 12.98
C GLY A 62 -6.49 -30.02 11.73
N ARG A 63 -7.07 -28.96 11.18
CA ARG A 63 -6.55 -28.27 10.02
C ARG A 63 -5.98 -26.91 10.47
N HIS A 64 -6.11 -25.89 9.64
CA HIS A 64 -5.61 -24.57 9.94
C HIS A 64 -6.62 -23.51 9.49
N ALA A 65 -6.54 -22.34 10.10
CA ALA A 65 -7.38 -21.21 9.75
C ALA A 65 -6.53 -19.95 9.67
N TRP A 66 -6.79 -19.12 8.66
CA TRP A 66 -6.09 -17.85 8.51
C TRP A 66 -6.77 -16.78 9.34
N VAL A 67 -5.95 -15.93 9.98
CA VAL A 67 -6.45 -14.79 10.76
C VAL A 67 -5.65 -13.55 10.38
N VAL A 68 -6.35 -12.44 10.22
CA VAL A 68 -5.73 -11.15 9.94
C VAL A 68 -5.58 -10.42 11.27
N CYS A 69 -4.37 -9.91 11.52
CA CYS A 69 -4.04 -9.32 12.80
C CYS A 69 -3.67 -7.85 12.74
N ASP A 70 -3.09 -7.40 11.63
CA ASP A 70 -2.76 -5.98 11.50
C ASP A 70 -4.05 -5.16 11.37
N PRO A 71 -4.15 -4.03 12.07
CA PRO A 71 -5.44 -3.31 12.13
C PRO A 71 -5.97 -2.87 10.77
N GLU A 72 -5.14 -2.21 9.94
CA GLU A 72 -5.62 -1.78 8.63
C GLU A 72 -5.95 -2.96 7.73
N LEU A 73 -5.15 -4.01 7.80
CA LEU A 73 -5.44 -5.23 7.04
C LEU A 73 -6.75 -5.86 7.49
N VAL A 74 -7.10 -5.71 8.77
CA VAL A 74 -8.40 -6.20 9.25
C VAL A 74 -9.53 -5.37 8.64
N ARG A 75 -9.34 -4.05 8.57
CA ARG A 75 -10.39 -3.17 8.08
C ARG A 75 -10.66 -3.38 6.58
N THR A 76 -9.65 -3.83 5.84
CA THR A 76 -9.86 -4.15 4.42
C THR A 76 -10.43 -5.55 4.24
N ALA A 77 -10.15 -6.47 5.18
CA ALA A 77 -10.69 -7.82 5.08
C ALA A 77 -12.19 -7.82 5.35
N LEU A 78 -12.64 -7.02 6.32
CA LEU A 78 -14.06 -6.94 6.64
C LEU A 78 -14.88 -6.49 5.44
N THR A 79 -14.28 -5.72 4.54
CA THR A 79 -14.95 -5.19 3.37
C THR A 79 -14.55 -5.88 2.08
N HIS A 80 -13.72 -6.92 2.15
CA HIS A 80 -13.15 -7.49 0.94
C HIS A 80 -14.23 -8.08 0.05
N PRO A 81 -14.29 -7.71 -1.23
CA PRO A 81 -15.33 -8.25 -2.11
C PRO A 81 -15.17 -9.73 -2.38
N LEU A 82 -14.00 -10.30 -2.11
CA LEU A 82 -13.76 -11.71 -2.37
C LEU A 82 -13.68 -12.53 -1.08
N LEU A 83 -14.15 -11.98 0.03
CA LEU A 83 -14.30 -12.71 1.29
C LEU A 83 -15.79 -12.83 1.58
N ALA A 84 -16.37 -13.97 1.22
CA ALA A 84 -17.80 -14.22 1.35
C ALA A 84 -18.09 -15.06 2.59
N LYS A 85 -19.38 -15.16 2.92
CA LYS A 85 -19.81 -15.78 4.16
C LYS A 85 -20.95 -16.79 3.97
N ASP A 86 -21.30 -17.14 2.74
CA ASP A 86 -22.39 -18.08 2.52
C ASP A 86 -22.00 -19.48 2.98
N VAL A 87 -23.00 -20.22 3.47
CA VAL A 87 -22.77 -21.54 4.03
C VAL A 87 -22.42 -22.58 2.98
N THR A 88 -22.54 -22.26 1.70
CA THR A 88 -22.10 -23.21 0.68
C THR A 88 -20.58 -23.28 0.56
N LEU A 89 -19.86 -22.35 1.21
CA LEU A 89 -18.42 -22.28 1.08
C LEU A 89 -17.67 -22.98 2.21
N VAL A 90 -18.33 -23.25 3.33
CA VAL A 90 -17.63 -23.86 4.47
C VAL A 90 -17.21 -25.28 4.11
N PRO A 91 -15.94 -25.64 4.27
CA PRO A 91 -15.54 -27.04 4.06
C PRO A 91 -16.15 -27.96 5.09
N ASP A 92 -16.12 -29.26 4.78
CA ASP A 92 -16.80 -30.24 5.62
C ASP A 92 -16.14 -30.38 6.99
N TRP A 93 -14.81 -30.28 7.05
CA TRP A 93 -14.10 -30.50 8.30
C TRP A 93 -14.39 -29.42 9.34
N MET A 94 -15.05 -28.33 8.97
CA MET A 94 -15.47 -27.33 9.94
C MET A 94 -16.93 -27.47 10.35
N ARG A 95 -17.74 -28.15 9.55
CA ARG A 95 -19.14 -28.38 9.87
C ARG A 95 -19.28 -29.42 10.97
N LYS A 96 -18.94 -29.04 12.18
CA LYS A 96 -19.09 -30.01 13.26
C LYS A 96 -20.27 -29.65 14.12
N PRO A 97 -21.14 -30.61 14.43
CA PRO A 97 -22.32 -30.31 15.25
C PRO A 97 -21.97 -29.67 16.58
N GLY A 98 -22.69 -28.60 16.93
CA GLY A 98 -22.41 -27.79 18.08
C GLY A 98 -21.78 -26.45 17.74
N LEU A 99 -21.06 -26.37 16.62
CA LEU A 99 -20.45 -25.14 16.17
C LEU A 99 -21.38 -24.43 15.19
N MET A 100 -21.15 -23.13 15.01
CA MET A 100 -22.01 -22.32 14.15
C MET A 100 -22.06 -22.88 12.73
N LEU A 101 -20.89 -23.12 12.14
CA LEU A 101 -20.84 -23.58 10.76
C LEU A 101 -21.49 -24.94 10.57
N GLY A 102 -21.56 -25.75 11.62
CA GLY A 102 -22.18 -27.05 11.52
C GLY A 102 -23.59 -27.05 12.08
N SER A 103 -24.19 -25.86 12.17
CA SER A 103 -25.53 -25.71 12.73
C SER A 103 -26.45 -24.86 11.85
N GLN A 104 -26.08 -24.63 10.60
CA GLN A 104 -26.95 -23.86 9.73
C GLN A 104 -27.98 -24.74 9.04
N PRO A 105 -29.11 -24.16 8.60
CA PRO A 105 -30.07 -24.93 7.80
C PRO A 105 -29.74 -24.94 6.33
N ASP A 106 -30.62 -25.53 5.53
CA ASP A 106 -30.47 -25.55 4.07
C ASP A 106 -30.53 -24.11 3.54
N PRO A 107 -29.47 -23.62 2.89
CA PRO A 107 -29.50 -22.24 2.40
C PRO A 107 -30.58 -21.96 1.38
N GLU A 108 -31.08 -22.97 0.68
CA GLU A 108 -32.17 -22.75 -0.26
C GLU A 108 -33.50 -22.53 0.45
N PHE A 109 -33.63 -23.03 1.68
CA PHE A 109 -34.86 -22.82 2.43
C PHE A 109 -34.79 -21.51 3.22
N ALA A 110 -33.68 -21.28 3.92
CA ALA A 110 -33.50 -20.06 4.69
C ALA A 110 -32.01 -19.88 4.99
N ARG A 111 -31.58 -18.62 4.99
CA ARG A 111 -30.24 -18.25 5.39
C ARG A 111 -30.31 -17.31 6.59
N THR A 112 -29.31 -17.38 7.46
CA THR A 112 -29.16 -16.38 8.50
C THR A 112 -28.41 -15.18 7.94
N MET A 113 -28.73 -13.99 8.48
CA MET A 113 -28.26 -12.75 7.86
C MET A 113 -26.74 -12.69 7.76
N ILE A 114 -26.05 -13.09 8.83
CA ILE A 114 -24.59 -13.00 8.85
C ILE A 114 -23.93 -13.98 7.89
N MET A 115 -24.66 -14.96 7.38
CA MET A 115 -24.11 -15.98 6.52
C MET A 115 -24.71 -15.95 5.11
N SER A 116 -25.02 -14.75 4.63
CA SER A 116 -25.52 -14.54 3.29
C SER A 116 -24.68 -13.47 2.62
N ASP A 117 -24.79 -13.37 1.30
CA ASP A 117 -23.98 -12.46 0.52
C ASP A 117 -24.84 -11.72 -0.50
N GLY A 118 -24.44 -10.50 -0.82
CA GLY A 118 -25.02 -9.80 -1.95
C GLY A 118 -26.50 -9.49 -1.75
N ALA A 119 -27.29 -9.76 -2.80
CA ALA A 119 -28.71 -9.41 -2.79
C ALA A 119 -29.48 -10.22 -1.77
N HIS A 120 -29.03 -11.45 -1.48
CA HIS A 120 -29.65 -12.23 -0.41
C HIS A 120 -29.55 -11.50 0.92
N HIS A 121 -28.36 -10.99 1.23
CA HIS A 121 -28.16 -10.27 2.47
C HIS A 121 -28.98 -8.98 2.49
N ALA A 122 -29.06 -8.29 1.36
CA ALA A 122 -29.80 -7.02 1.32
C ALA A 122 -31.28 -7.23 1.62
N ARG A 123 -31.86 -8.33 1.11
CA ARG A 123 -33.28 -8.59 1.37
C ARG A 123 -33.52 -8.95 2.83
N ILE A 124 -32.68 -9.84 3.37
CA ILE A 124 -32.82 -10.23 4.77
C ILE A 124 -32.64 -9.03 5.69
N ARG A 125 -31.64 -8.20 5.40
CA ARG A 125 -31.40 -7.01 6.21
C ARG A 125 -32.55 -6.01 6.08
N ARG A 126 -33.13 -5.90 4.88
CA ARG A 126 -34.22 -4.94 4.68
C ARG A 126 -35.49 -5.40 5.40
N LEU A 127 -35.79 -6.69 5.35
CA LEU A 127 -37.01 -7.20 6.02
C LEU A 127 -36.88 -7.04 7.54
N HIS A 128 -35.66 -7.17 8.06
CA HIS A 128 -35.41 -7.02 9.51
C HIS A 128 -35.57 -5.56 9.92
N ALA A 129 -35.47 -4.64 8.98
CA ALA A 129 -35.47 -3.21 9.32
C ALA A 129 -36.87 -2.65 9.20
N SER A 130 -37.80 -3.45 8.70
CA SER A 130 -39.20 -3.01 8.59
C SER A 130 -39.94 -3.54 9.82
N ILE A 131 -39.21 -4.05 10.80
CA ILE A 131 -39.86 -4.63 11.99
C ILE A 131 -40.04 -3.55 13.05
N LEU A 132 -41.23 -3.47 13.67
CA LEU A 132 -41.52 -2.56 14.80
C LEU A 132 -41.60 -1.09 14.41
N SER A 133 -42.16 -0.77 13.24
CA SER A 133 -42.36 0.67 12.93
C SER A 133 -43.51 1.20 13.78
N PRO A 134 -43.53 2.46 14.26
CA PRO A 134 -42.40 3.38 14.21
C PRO A 134 -41.38 3.16 15.35
N ARG A 135 -40.11 3.00 15.00
CA ARG A 135 -39.09 2.73 16.03
C ARG A 135 -38.61 4.05 16.62
N ASN A 136 -39.06 4.40 17.82
CA ASN A 136 -38.52 5.61 18.50
C ASN A 136 -37.59 5.12 19.62
N THR A 137 -36.36 5.61 19.68
CA THR A 137 -35.36 5.12 20.66
C THR A 137 -35.60 5.70 22.05
N GLU A 138 -36.39 6.76 22.15
CA GLU A 138 -36.72 7.33 23.46
C GLU A 138 -37.74 6.40 24.10
N ARG A 139 -38.48 5.67 23.24
CA ARG A 139 -39.46 4.69 23.74
C ARG A 139 -38.68 3.45 24.11
N TRP A 140 -37.83 2.97 23.22
CA TRP A 140 -36.95 1.82 23.54
C TRP A 140 -36.22 2.10 24.84
N GLY A 141 -35.66 3.30 24.98
CA GLY A 141 -34.82 3.64 26.15
C GLY A 141 -35.59 3.78 27.43
N GLU A 142 -36.76 4.40 27.38
CA GLU A 142 -37.50 4.47 28.63
C GLU A 142 -37.93 3.09 29.12
N ARG A 143 -38.15 2.13 28.21
CA ARG A 143 -38.41 0.76 28.66
C ARG A 143 -37.12 0.11 29.17
N VAL A 144 -35.98 0.43 28.56
CA VAL A 144 -34.70 -0.04 29.09
C VAL A 144 -34.48 0.55 30.49
N GLU A 145 -34.86 1.81 30.69
CA GLU A 145 -34.70 2.43 32.00
C GLU A 145 -35.63 1.80 33.03
N ALA A 146 -36.87 1.47 32.63
CA ALA A 146 -37.81 0.88 33.56
C ALA A 146 -37.36 -0.51 34.01
N LYS A 147 -36.68 -1.25 33.14
CA LYS A 147 -36.17 -2.57 33.52
C LYS A 147 -34.88 -2.46 34.31
N VAL A 148 -34.04 -1.47 34.02
CA VAL A 148 -32.83 -1.25 34.80
C VAL A 148 -33.17 -0.90 36.24
N GLY A 149 -34.22 -0.11 36.44
CA GLY A 149 -34.63 0.23 37.78
C GLY A 149 -35.12 -0.96 38.58
N GLY A 150 -35.86 -1.87 37.92
CA GLY A 150 -36.41 -3.01 38.62
C GLY A 150 -35.36 -4.01 39.07
N PHE A 151 -34.32 -4.19 38.25
CA PHE A 151 -33.23 -5.08 38.63
C PHE A 151 -32.30 -4.43 39.64
N LEU A 152 -32.15 -3.10 39.58
CA LEU A 152 -31.42 -2.39 40.64
C LEU A 152 -32.15 -2.53 41.97
N ASP A 153 -33.49 -2.54 41.93
CA ASP A 153 -34.26 -2.75 43.15
C ASP A 153 -34.15 -4.18 43.64
N GLU A 154 -34.22 -5.15 42.73
CA GLU A 154 -34.02 -6.54 43.11
C GLU A 154 -32.62 -6.75 43.67
N LEU A 155 -31.63 -6.03 43.13
CA LEU A 155 -30.29 -6.06 43.70
C LEU A 155 -30.28 -5.47 45.11
N GLU A 156 -30.81 -4.24 45.26
CA GLU A 156 -30.83 -3.59 46.56
C GLU A 156 -31.60 -4.40 47.59
N ALA A 157 -32.45 -5.32 47.16
CA ALA A 157 -33.17 -6.21 48.07
C ALA A 157 -32.32 -7.39 48.55
N SER A 158 -31.02 -7.17 48.77
CA SER A 158 -30.12 -8.21 49.26
C SER A 158 -28.94 -7.61 50.01
N ALA A 164 -20.76 -9.51 52.29
CA ALA A 164 -21.72 -8.61 51.64
C ALA A 164 -21.35 -8.41 50.17
N GLU A 165 -20.39 -9.20 49.68
CA GLU A 165 -19.96 -9.07 48.29
C GLU A 165 -21.07 -9.52 47.34
N VAL A 166 -21.20 -8.80 46.23
CA VAL A 166 -22.23 -9.05 45.24
C VAL A 166 -21.56 -9.38 43.91
N ASN A 167 -22.09 -10.38 43.23
CA ASN A 167 -21.69 -10.65 41.85
C ASN A 167 -22.66 -9.91 40.94
N VAL A 168 -22.22 -8.75 40.41
CA VAL A 168 -23.08 -7.93 39.59
C VAL A 168 -23.35 -8.57 38.23
N VAL A 169 -22.49 -9.51 37.79
CA VAL A 169 -22.74 -10.21 36.54
C VAL A 169 -24.05 -10.99 36.61
N THR A 170 -24.16 -11.89 37.60
CA THR A 170 -25.35 -12.72 37.71
C THR A 170 -26.56 -11.96 38.22
N ALA A 171 -26.36 -10.81 38.85
CA ALA A 171 -27.46 -10.08 39.47
C ALA A 171 -27.91 -8.87 38.67
N TYR A 172 -27.18 -8.46 37.63
CA TYR A 172 -27.48 -7.22 36.94
C TYR A 172 -27.20 -7.29 35.45
N THR A 173 -25.93 -7.49 35.08
CA THR A 173 -25.54 -7.41 33.67
C THR A 173 -26.12 -8.57 32.86
N HIS A 174 -26.39 -9.71 33.51
CA HIS A 174 -27.00 -10.82 32.79
C HIS A 174 -28.49 -10.59 32.58
N ARG A 175 -29.17 -10.05 33.59
CA ARG A 175 -30.63 -10.00 33.59
C ARG A 175 -31.18 -8.95 32.63
N ILE A 176 -30.51 -7.81 32.51
CA ILE A 176 -31.06 -6.68 31.77
C ILE A 176 -31.24 -7.01 30.29
N PRO A 177 -30.19 -7.36 29.54
CA PRO A 177 -30.39 -7.57 28.09
C PRO A 177 -31.28 -8.76 27.79
N LEU A 178 -31.32 -9.75 28.69
CA LEU A 178 -32.22 -10.88 28.51
C LEU A 178 -33.67 -10.45 28.66
N ALA A 179 -33.97 -9.67 29.69
CA ALA A 179 -35.36 -9.27 29.93
C ALA A 179 -35.92 -8.40 28.80
N PHE A 180 -35.07 -7.58 28.18
CA PHE A 180 -35.54 -6.69 27.13
C PHE A 180 -35.78 -7.42 25.82
N ILE A 181 -34.83 -8.26 25.41
CA ILE A 181 -34.95 -8.96 24.13
C ILE A 181 -36.11 -9.96 24.18
N SER A 182 -36.44 -10.50 25.36
CA SER A 182 -37.58 -11.39 25.46
C SER A 182 -38.88 -10.64 25.26
N GLU A 183 -39.03 -9.50 25.94
CA GLU A 183 -40.19 -8.66 25.73
C GLU A 183 -40.25 -8.16 24.29
N MET A 184 -39.09 -7.81 23.73
CA MET A 184 -39.06 -7.31 22.35
C MET A 184 -39.43 -8.41 21.37
N LEU A 185 -38.91 -9.61 21.55
CA LEU A 185 -39.28 -10.71 20.66
C LEU A 185 -40.70 -11.18 20.94
N GLY A 186 -41.20 -10.94 22.15
CA GLY A 186 -42.49 -11.44 22.56
C GLY A 186 -42.51 -12.85 23.08
N LEU A 187 -41.38 -13.34 23.60
CA LEU A 187 -41.32 -14.70 24.12
C LEU A 187 -42.14 -14.82 25.41
N PRO A 188 -42.69 -16.00 25.70
CA PRO A 188 -43.39 -16.18 26.98
C PRO A 188 -42.44 -16.05 28.15
N LEU A 189 -42.93 -15.42 29.23
CA LEU A 189 -42.09 -15.15 30.39
C LEU A 189 -41.58 -16.44 31.03
N GLU A 190 -42.25 -17.57 30.81
CA GLU A 190 -41.79 -18.83 31.39
C GLU A 190 -40.44 -19.24 30.83
N ALA A 191 -40.20 -18.96 29.55
CA ALA A 191 -39.00 -19.44 28.88
C ALA A 191 -37.77 -18.60 29.17
N GLU A 192 -37.92 -17.44 29.80
CA GLU A 192 -36.79 -16.54 29.98
C GLU A 192 -35.76 -17.11 30.96
N ARG A 193 -36.22 -17.72 32.05
CA ARG A 193 -35.31 -18.34 32.99
C ARG A 193 -34.51 -19.49 32.37
N ARG A 194 -35.13 -20.22 31.45
CA ARG A 194 -34.50 -21.40 30.86
C ARG A 194 -33.57 -21.05 29.70
N LEU A 195 -33.78 -19.91 29.04
CA LEU A 195 -33.02 -19.62 27.82
C LEU A 195 -31.57 -19.28 28.14
N ARG A 196 -31.33 -18.60 29.26
CA ARG A 196 -29.97 -18.26 29.64
C ARG A 196 -29.11 -19.52 29.77
N SER A 197 -29.68 -20.59 30.32
CA SER A 197 -28.92 -21.83 30.46
C SER A 197 -28.73 -22.57 29.14
N ILE A 198 -29.59 -22.34 28.16
CA ILE A 198 -29.43 -22.99 26.86
C ILE A 198 -28.32 -22.33 26.06
N THR A 199 -28.37 -20.99 25.95
CA THR A 199 -27.34 -20.28 25.20
C THR A 199 -25.99 -20.36 25.89
N ASP A 200 -25.98 -20.48 27.23
CA ASP A 200 -24.72 -20.62 27.95
C ASP A 200 -23.93 -21.83 27.46
N VAL A 201 -24.63 -22.92 27.14
CA VAL A 201 -23.95 -24.12 26.64
C VAL A 201 -23.52 -23.90 25.19
N ILE A 202 -24.39 -23.32 24.37
CA ILE A 202 -24.08 -23.12 22.96
C ILE A 202 -22.80 -22.30 22.80
N LEU A 203 -22.61 -21.30 23.65
CA LEU A 203 -21.58 -20.31 23.42
C LEU A 203 -20.34 -20.48 24.29
N TYR A 204 -20.42 -21.23 25.40
CA TYR A 204 -19.30 -21.31 26.34
C TYR A 204 -18.94 -22.72 26.79
N SER A 205 -19.72 -23.74 26.44
CA SER A 205 -19.38 -25.09 26.85
C SER A 205 -18.27 -25.65 25.97
N ASP A 206 -17.47 -26.53 26.56
CA ASP A 206 -16.38 -27.21 25.87
C ASP A 206 -16.74 -28.63 25.47
N ASP A 207 -18.00 -29.03 25.62
CA ASP A 207 -18.47 -30.37 25.28
C ASP A 207 -19.29 -30.28 24.01
N TYR A 208 -18.81 -30.95 22.94
CA TYR A 208 -19.52 -30.87 21.67
C TYR A 208 -20.90 -31.52 21.73
N PRO A 209 -21.09 -32.71 22.32
CA PRO A 209 -22.47 -33.24 22.41
C PRO A 209 -23.43 -32.32 23.13
N ALA A 210 -22.98 -31.65 24.19
CA ALA A 210 -23.84 -30.70 24.89
C ALA A 210 -24.16 -29.49 24.02
N ARG A 211 -23.17 -29.03 23.25
CA ARG A 211 -23.42 -27.91 22.34
C ARG A 211 -24.37 -28.32 21.21
N GLY A 212 -24.21 -29.54 20.69
CA GLY A 212 -25.14 -30.02 19.68
C GLY A 212 -26.55 -30.17 20.21
N ALA A 213 -26.69 -30.55 21.48
CA ALA A 213 -28.02 -30.71 22.06
C ALA A 213 -28.67 -29.36 22.35
N ALA A 214 -27.90 -28.40 22.88
CA ALA A 214 -28.46 -27.09 23.19
C ALA A 214 -28.85 -26.32 21.92
N VAL A 215 -28.11 -26.52 20.83
CA VAL A 215 -28.47 -25.88 19.57
C VAL A 215 -29.77 -26.46 19.02
N GLY A 216 -29.91 -27.78 19.08
CA GLY A 216 -31.14 -28.41 18.63
C GLY A 216 -32.33 -28.11 19.53
N ALA A 217 -32.08 -27.91 20.82
CA ALA A 217 -33.16 -27.54 21.74
C ALA A 217 -33.72 -26.16 21.42
N LEU A 218 -32.84 -25.22 21.05
CA LEU A 218 -33.31 -23.88 20.69
C LEU A 218 -34.09 -23.91 19.38
N TYR A 219 -33.58 -24.63 18.38
CA TYR A 219 -34.26 -24.70 17.08
C TYR A 219 -35.62 -25.37 17.20
N GLY A 220 -35.72 -26.44 18.00
CA GLY A 220 -36.99 -27.12 18.16
C GLY A 220 -37.99 -26.32 18.97
N ALA A 221 -37.52 -25.49 19.89
CA ALA A 221 -38.43 -24.63 20.64
C ALA A 221 -38.91 -23.47 19.79
N VAL A 222 -38.00 -22.87 19.02
CA VAL A 222 -38.38 -21.75 18.15
C VAL A 222 -39.41 -22.20 17.13
N GLU A 223 -39.19 -23.37 16.52
CA GLU A 223 -40.14 -23.87 15.53
C GLU A 223 -41.52 -24.07 16.14
N SER A 224 -41.58 -24.61 17.36
CA SER A 224 -42.88 -24.80 18.02
C SER A 224 -43.59 -23.47 18.22
N TRP A 225 -42.85 -22.42 18.58
CA TRP A 225 -43.47 -21.11 18.80
C TRP A 225 -43.93 -20.50 17.48
N VAL A 226 -43.17 -20.68 16.43
CA VAL A 226 -43.53 -19.99 15.17
C VAL A 226 -44.73 -20.69 14.54
N ARG A 227 -44.73 -22.02 14.55
CA ARG A 227 -45.82 -22.76 13.87
C ARG A 227 -47.08 -22.65 14.71
N ASP A 228 -46.91 -22.59 16.03
CA ASP A 228 -48.07 -22.44 16.93
C ASP A 228 -47.83 -21.21 17.79
N PRO A 229 -48.26 -20.02 17.36
CA PRO A 229 -47.94 -18.78 18.07
C PRO A 229 -48.86 -18.49 19.26
N ALA A 230 -49.49 -19.52 19.80
CA ALA A 230 -50.41 -19.32 20.93
C ALA A 230 -49.69 -18.85 22.19
N PRO A 231 -48.59 -19.49 22.66
CA PRO A 231 -48.00 -19.07 23.93
C PRO A 231 -47.10 -17.85 23.79
N LEU A 232 -47.34 -17.01 22.79
CA LEU A 232 -46.43 -15.86 22.53
C LEU A 232 -47.11 -14.54 22.85
N ARG A 233 -46.34 -13.56 23.28
CA ARG A 233 -46.90 -12.20 23.49
C ARG A 233 -46.71 -11.45 22.17
N GLU A 234 -47.50 -10.42 21.96
CA GLU A 234 -47.37 -9.61 20.73
C GLU A 234 -46.01 -8.96 20.74
N GLY A 235 -45.26 -9.16 19.67
CA GLY A 235 -43.91 -8.59 19.61
C GLY A 235 -43.31 -8.81 18.25
N VAL A 236 -42.01 -9.02 18.22
CA VAL A 236 -41.34 -9.10 16.92
C VAL A 236 -41.77 -10.35 16.17
N ILE A 237 -41.89 -11.47 16.89
CA ILE A 237 -42.12 -12.76 16.23
C ILE A 237 -43.49 -12.79 15.56
N THR A 238 -44.53 -12.37 16.28
CA THR A 238 -45.87 -12.36 15.69
C THR A 238 -45.95 -11.39 14.52
N ASP A 239 -45.08 -10.37 14.50
CA ASP A 239 -45.07 -9.42 13.40
C ASP A 239 -44.48 -10.01 12.13
N LEU A 240 -43.66 -11.05 12.25
CA LEU A 240 -43.09 -11.68 11.05
C LEU A 240 -44.04 -12.70 10.45
N LEU A 241 -45.06 -13.05 11.22
CA LEU A 241 -46.01 -14.05 10.81
C LEU A 241 -47.26 -13.32 10.42
N ALA A 242 -47.14 -12.04 10.15
CA ALA A 242 -48.28 -11.24 9.79
C ALA A 242 -48.23 -10.87 8.30
N PRO A 243 -49.29 -10.25 7.74
CA PRO A 243 -49.31 -9.81 6.33
C PRO A 243 -48.04 -9.22 5.77
N PRO A 247 -46.64 -8.46 0.37
CA PRO A 247 -46.62 -8.63 -1.09
C PRO A 247 -45.25 -9.04 -1.61
N GLU A 248 -44.28 -8.14 -1.53
CA GLU A 248 -42.88 -8.48 -1.76
C GLU A 248 -42.09 -8.65 -0.48
N ASP A 249 -42.59 -8.11 0.64
CA ASP A 249 -41.97 -8.24 1.94
C ASP A 249 -42.44 -9.48 2.69
N GLN A 250 -42.75 -10.55 1.98
CA GLN A 250 -43.25 -11.76 2.62
C GLN A 250 -42.09 -12.52 3.26
N VAL A 251 -42.25 -12.83 4.54
CA VAL A 251 -41.29 -13.64 5.29
C VAL A 251 -41.84 -15.06 5.39
N THR A 252 -41.10 -16.01 4.85
CA THR A 252 -41.52 -17.41 4.92
C THR A 252 -41.48 -17.91 6.36
N GLU A 253 -42.20 -19.01 6.60
CA GLU A 253 -42.20 -19.60 7.93
C GLU A 253 -40.81 -20.06 8.33
N GLY A 254 -40.04 -20.57 7.36
CA GLY A 254 -38.68 -21.00 7.67
C GLY A 254 -37.76 -19.85 7.99
N GLU A 255 -37.87 -18.75 7.24
CA GLU A 255 -37.04 -17.58 7.54
C GLU A 255 -37.39 -16.98 8.89
N ALA A 256 -38.68 -17.00 9.25
CA ALA A 256 -39.06 -16.52 10.57
C ALA A 256 -38.37 -17.32 11.68
N ILE A 257 -38.20 -18.63 11.48
CA ILE A 257 -37.56 -19.47 12.50
C ILE A 257 -36.06 -19.20 12.56
N VAL A 258 -35.39 -19.20 11.39
CA VAL A 258 -33.94 -19.04 11.36
C VAL A 258 -33.55 -17.66 11.88
N TRP A 259 -34.30 -16.63 11.52
CA TRP A 259 -33.96 -15.28 11.95
C TRP A 259 -34.25 -15.11 13.44
N THR A 260 -35.32 -15.73 13.94
CA THR A 260 -35.59 -15.69 15.38
C THR A 260 -34.49 -16.40 16.16
N PHE A 261 -34.06 -17.57 15.68
CA PHE A 261 -32.93 -18.26 16.28
C PHE A 261 -31.71 -17.36 16.33
N ALA A 262 -31.42 -16.67 15.23
CA ALA A 262 -30.26 -15.78 15.18
C ALA A 262 -30.39 -14.66 16.20
N MET A 263 -31.61 -14.15 16.40
CA MET A 263 -31.81 -13.02 17.31
C MET A 263 -31.80 -13.45 18.78
N ILE A 264 -32.08 -14.72 19.06
CA ILE A 264 -31.91 -15.22 20.42
C ILE A 264 -30.43 -15.45 20.73
N ILE A 265 -29.68 -15.95 19.75
CA ILE A 265 -28.25 -16.22 19.93
C ILE A 265 -27.47 -14.93 20.13
N THR A 266 -27.87 -13.86 19.45
CA THR A 266 -27.11 -12.62 19.44
C THR A 266 -27.75 -11.50 20.23
N GLY A 267 -28.95 -11.70 20.78
CA GLY A 267 -29.75 -10.59 21.24
C GLY A 267 -29.43 -10.04 22.61
N TYR A 268 -28.61 -10.71 23.41
CA TYR A 268 -28.43 -10.24 24.78
C TYR A 268 -27.12 -10.68 25.40
N GLU A 269 -26.50 -11.74 24.88
CA GLU A 269 -25.32 -12.28 25.52
C GLU A 269 -24.16 -11.29 25.47
N THR A 270 -23.87 -10.77 24.28
CA THR A 270 -22.76 -9.82 24.16
C THR A 270 -23.10 -8.47 24.77
N THR A 271 -24.38 -8.09 24.79
CA THR A 271 -24.77 -6.86 25.45
C THR A 271 -24.47 -6.90 26.94
N GLY A 272 -24.74 -8.05 27.58
CA GLY A 272 -24.39 -8.21 28.98
C GLY A 272 -22.89 -8.21 29.21
N SER A 273 -22.12 -8.73 28.27
CA SER A 273 -20.66 -8.69 28.38
C SER A 273 -20.14 -7.27 28.29
N LEU A 274 -20.76 -6.44 27.45
CA LEU A 274 -20.36 -5.03 27.36
C LEU A 274 -20.75 -4.27 28.62
N ILE A 275 -21.91 -4.58 29.20
CA ILE A 275 -22.34 -3.90 30.42
C ILE A 275 -21.40 -4.23 31.56
N SER A 276 -21.11 -5.52 31.77
CA SER A 276 -20.20 -5.90 32.84
C SER A 276 -18.81 -5.34 32.63
N ALA A 277 -18.33 -5.38 31.38
CA ALA A 277 -16.99 -4.86 31.09
C ALA A 277 -16.91 -3.36 31.36
N SER A 278 -17.98 -2.62 31.04
CA SER A 278 -18.00 -1.20 31.36
C SER A 278 -17.98 -0.96 32.85
N LEU A 279 -18.75 -1.76 33.60
CA LEU A 279 -18.79 -1.62 35.06
C LEU A 279 -17.47 -2.02 35.70
N PHE A 280 -16.79 -3.03 35.14
CA PHE A 280 -15.51 -3.46 35.71
C PHE A 280 -14.49 -2.32 35.69
N GLU A 281 -14.43 -1.59 34.58
CA GLU A 281 -13.46 -0.49 34.47
C GLU A 281 -13.85 0.71 35.33
N ALA A 282 -15.13 0.85 35.67
CA ALA A 282 -15.57 1.90 36.58
C ALA A 282 -15.41 1.51 38.04
N LEU A 283 -15.76 0.27 38.39
CA LEU A 283 -15.68 -0.19 39.77
C LEU A 283 -14.24 -0.26 40.26
N ARG A 284 -13.29 -0.48 39.35
CA ARG A 284 -11.89 -0.62 39.72
C ARG A 284 -11.18 0.71 39.88
N ARG A 285 -11.82 1.82 39.53
CA ARG A 285 -11.26 3.15 39.66
C ARG A 285 -11.90 3.90 40.82
N PRO A 286 -11.23 4.89 41.38
CA PRO A 286 -11.87 5.71 42.41
C PRO A 286 -13.12 6.36 41.87
N PRO A 287 -14.12 6.61 42.72
CA PRO A 287 -15.38 7.18 42.24
C PRO A 287 -15.23 8.51 41.51
N GLU A 288 -14.16 9.26 41.79
CA GLU A 288 -13.96 10.54 41.12
C GLU A 288 -13.67 10.35 39.63
N GLU A 289 -12.93 9.30 39.27
CA GLU A 289 -12.54 9.05 37.89
C GLU A 289 -13.62 8.33 37.09
N ARG A 290 -14.86 8.30 37.57
CA ARG A 290 -15.97 7.59 36.97
C ARG A 290 -16.87 8.53 36.18
N PRO A 291 -17.42 8.06 35.06
CA PRO A 291 -18.21 8.94 34.21
C PRO A 291 -19.55 9.31 34.86
N ARG A 292 -19.93 10.56 34.67
CA ARG A 292 -21.21 11.07 35.15
C ARG A 292 -22.06 11.70 34.06
N THR A 293 -21.44 12.48 33.18
CA THR A 293 -22.18 13.13 32.11
C THR A 293 -22.66 12.10 31.07
N ASP A 294 -23.69 12.49 30.33
CA ASP A 294 -24.17 11.64 29.23
C ASP A 294 -23.08 11.41 28.20
N GLU A 295 -22.18 12.39 28.04
CA GLU A 295 -21.10 12.27 27.07
C GLU A 295 -20.02 11.31 27.57
N GLU A 296 -19.66 11.41 28.85
CA GLU A 296 -18.64 10.53 29.41
C GLU A 296 -19.11 9.10 29.51
N ILE A 297 -20.41 8.88 29.70
CA ILE A 297 -20.95 7.52 29.75
C ILE A 297 -20.97 6.91 28.36
N LYS A 298 -21.26 7.72 27.33
CA LYS A 298 -21.20 7.23 25.96
C LYS A 298 -19.77 6.95 25.54
N GLY A 299 -18.83 7.83 25.91
CA GLY A 299 -17.42 7.55 25.64
C GLY A 299 -16.88 6.39 26.44
N TRP A 300 -17.47 6.13 27.62
CA TRP A 300 -17.02 5.02 28.45
C TRP A 300 -17.38 3.68 27.84
N VAL A 301 -18.63 3.54 27.37
CA VAL A 301 -19.04 2.27 26.77
C VAL A 301 -18.35 2.05 25.43
N GLU A 302 -17.90 3.14 24.78
CA GLU A 302 -17.16 2.99 23.54
C GLU A 302 -15.75 2.47 23.81
N GLU A 303 -15.11 2.97 24.86
CA GLU A 303 -13.78 2.49 25.20
C GLU A 303 -13.82 1.06 25.74
N ALA A 304 -14.93 0.67 26.37
CA ALA A 304 -15.08 -0.72 26.80
C ALA A 304 -15.20 -1.64 25.59
N LEU A 305 -15.88 -1.20 24.53
CA LEU A 305 -15.98 -2.00 23.31
C LEU A 305 -14.61 -2.16 22.66
N ARG A 306 -13.80 -1.10 22.70
CA ARG A 306 -12.48 -1.17 22.09
C ARG A 306 -11.55 -2.09 22.87
N VAL A 307 -11.58 -1.99 24.20
CA VAL A 307 -10.66 -2.75 25.04
C VAL A 307 -11.15 -4.19 25.23
N HIS A 308 -12.45 -4.38 25.46
CA HIS A 308 -13.03 -5.69 25.73
C HIS A 308 -14.07 -6.00 24.66
N PRO A 309 -13.66 -6.39 23.46
CA PRO A 309 -14.62 -6.81 22.45
C PRO A 309 -15.28 -8.11 22.87
N PRO A 310 -16.60 -8.15 22.98
CA PRO A 310 -17.28 -9.41 23.30
C PRO A 310 -16.98 -10.50 22.29
N PHE A 311 -16.75 -10.12 21.03
CA PHE A 311 -16.26 -11.04 20.00
C PHE A 311 -14.83 -10.65 19.66
N PRO A 312 -13.83 -11.23 20.34
CA PRO A 312 -12.43 -10.95 19.94
C PRO A 312 -12.16 -11.28 18.48
N HIS A 313 -12.81 -12.31 17.94
CA HIS A 313 -12.89 -12.57 16.52
C HIS A 313 -14.36 -12.73 16.15
N PRO A 314 -14.79 -12.19 15.01
CA PRO A 314 -16.20 -12.29 14.63
C PRO A 314 -16.54 -13.61 13.96
N THR A 315 -17.34 -13.56 12.89
CA THR A 315 -17.75 -14.75 12.18
C THR A 315 -16.76 -15.08 11.06
N TRP A 316 -17.05 -16.15 10.33
CA TRP A 316 -16.12 -16.71 9.37
C TRP A 316 -16.33 -16.11 7.98
N ARG A 317 -15.23 -15.97 7.26
CA ARG A 317 -15.25 -15.59 5.86
C ARG A 317 -14.44 -16.61 5.07
N PHE A 318 -14.62 -16.60 3.75
CA PHE A 318 -14.00 -17.57 2.87
C PHE A 318 -13.58 -16.88 1.60
N ALA A 319 -12.34 -17.12 1.19
CA ALA A 319 -11.80 -16.50 -0.01
C ALA A 319 -12.42 -17.13 -1.25
N THR A 320 -13.12 -16.31 -2.05
CA THR A 320 -13.64 -16.79 -3.32
C THR A 320 -12.57 -16.82 -4.40
N GLU A 321 -11.53 -16.02 -4.28
CA GLU A 321 -10.34 -16.09 -5.11
C GLU A 321 -9.11 -15.96 -4.21
N ASP A 322 -7.95 -16.28 -4.76
CA ASP A 322 -6.71 -16.13 -4.01
C ASP A 322 -6.47 -14.66 -3.70
N ILE A 323 -6.10 -14.39 -2.47
CA ILE A 323 -5.92 -13.04 -2.05
C ILE A 323 -4.57 -12.72 -1.51
N ASP A 324 -4.12 -11.50 -1.71
CA ASP A 324 -2.92 -11.08 -1.05
C ASP A 324 -3.44 -9.93 -0.26
N LEU A 325 -2.98 -9.82 0.98
CA LEU A 325 -3.44 -8.74 1.85
C LEU A 325 -2.28 -7.78 2.13
N GLY A 326 -1.27 -8.24 2.83
CA GLY A 326 -0.06 -7.49 3.04
C GLY A 326 1.13 -8.30 2.60
N GLY A 327 1.11 -8.76 1.35
CA GLY A 327 2.14 -9.63 0.83
C GLY A 327 1.97 -11.10 1.19
N TYR A 328 1.02 -11.43 2.05
CA TYR A 328 0.77 -12.81 2.45
C TYR A 328 -0.36 -13.39 1.62
N LEU A 329 -0.22 -14.66 1.27
CA LEU A 329 -1.23 -15.34 0.47
C LEU A 329 -2.34 -15.89 1.35
N ILE A 330 -3.58 -15.69 0.90
CA ILE A 330 -4.74 -16.37 1.45
C ILE A 330 -5.37 -17.18 0.33
N PRO A 331 -5.16 -18.49 0.32
CA PRO A 331 -5.58 -19.30 -0.83
C PRO A 331 -7.09 -19.34 -0.98
N GLU A 332 -7.52 -19.95 -2.08
CA GLU A 332 -8.95 -19.99 -2.40
C GLU A 332 -9.68 -20.95 -1.47
N GLY A 333 -10.92 -20.60 -1.13
CA GLY A 333 -11.69 -21.38 -0.19
C GLY A 333 -11.17 -21.35 1.23
N ALA A 334 -10.18 -20.52 1.51
CA ALA A 334 -9.56 -20.49 2.82
C ALA A 334 -10.54 -19.92 3.85
N PRO A 335 -10.71 -20.57 5.00
CA PRO A 335 -11.47 -19.93 6.09
C PRO A 335 -10.61 -18.88 6.76
N VAL A 336 -11.14 -17.66 6.86
CA VAL A 336 -10.40 -16.54 7.43
C VAL A 336 -11.21 -15.91 8.56
N GLN A 337 -10.51 -15.50 9.61
CA GLN A 337 -11.06 -14.70 10.69
C GLN A 337 -10.24 -13.41 10.79
N VAL A 338 -10.70 -12.48 11.61
CA VAL A 338 -9.98 -11.24 11.84
C VAL A 338 -9.86 -10.99 13.33
N ASN A 339 -8.70 -10.48 13.74
CA ASN A 339 -8.43 -10.21 15.14
C ASN A 339 -8.96 -8.82 15.48
N LEU A 340 -10.18 -8.78 16.00
CA LEU A 340 -10.77 -7.50 16.41
C LEU A 340 -10.07 -6.94 17.63
N ALA A 341 -9.66 -7.80 18.56
CA ALA A 341 -8.97 -7.34 19.76
C ALA A 341 -7.64 -6.68 19.42
N ALA A 342 -6.95 -7.18 18.40
CA ALA A 342 -5.67 -6.60 17.99
C ALA A 342 -5.86 -5.40 17.07
N ALA A 343 -6.92 -5.39 16.27
CA ALA A 343 -7.18 -4.23 15.42
C ALA A 343 -7.61 -3.02 16.23
N ASN A 344 -8.24 -3.25 17.38
CA ASN A 344 -8.65 -2.17 18.27
C ASN A 344 -7.48 -1.54 19.03
N ARG A 345 -6.33 -2.19 19.05
CA ARG A 345 -5.15 -1.70 19.74
C ARG A 345 -4.02 -1.49 18.74
N GLY A 346 -3.10 -0.59 19.07
CA GLY A 346 -1.91 -0.41 18.28
C GLY A 346 -0.85 -1.40 18.75
N PRO A 347 0.36 -1.30 18.19
CA PRO A 347 1.46 -2.12 18.73
C PRO A 347 1.84 -1.80 20.18
N GLU A 348 1.23 -0.79 20.81
CA GLU A 348 1.74 -0.32 22.09
C GLU A 348 0.93 -0.77 23.31
N GLU A 349 -0.36 -1.01 23.15
CA GLU A 349 -1.29 -1.08 24.28
C GLU A 349 -1.04 -2.23 25.25
N GLY A 350 -1.38 -3.44 24.83
CA GLY A 350 -1.43 -4.56 25.75
C GLY A 350 -2.88 -4.88 26.09
N PRO A 351 -3.10 -6.00 26.80
CA PRO A 351 -4.49 -6.42 27.04
C PRO A 351 -5.27 -5.46 27.94
N ASP A 352 -4.65 -4.91 28.97
CA ASP A 352 -5.31 -3.96 29.86
C ASP A 352 -4.87 -2.55 29.47
N CYS A 353 -5.71 -1.88 28.69
CA CYS A 353 -5.35 -0.58 28.14
C CYS A 353 -6.56 0.35 28.10
N PHE A 354 -7.47 0.24 29.06
CA PHE A 354 -8.63 1.11 29.10
C PHE A 354 -8.20 2.55 29.37
N THR A 355 -8.50 3.44 28.43
CA THR A 355 -8.17 4.85 28.56
C THR A 355 -9.44 5.66 28.35
N PRO A 356 -9.96 6.33 29.39
CA PRO A 356 -11.18 7.14 29.21
C PRO A 356 -11.02 8.26 28.21
N GLU A 357 -9.80 8.73 27.96
CA GLU A 357 -9.60 9.82 27.01
C GLU A 357 -9.77 9.35 25.57
N ARG A 358 -9.47 8.08 25.29
CA ARG A 358 -9.57 7.58 23.91
C ARG A 358 -11.01 7.48 23.45
N GLN A 359 -11.95 7.20 24.35
CA GLN A 359 -13.38 7.09 24.03
C GLN A 359 -13.64 6.06 22.96
N GLY A 360 -12.84 4.99 22.93
CA GLY A 360 -13.01 3.93 21.96
C GLY A 360 -12.86 4.36 20.51
N ARG A 361 -12.19 5.47 20.26
CA ARG A 361 -12.07 5.98 18.90
C ARG A 361 -11.34 4.97 18.02
N GLY A 362 -12.01 4.54 16.95
CA GLY A 362 -11.38 3.67 15.98
C GLY A 362 -11.48 2.20 16.26
N HIS A 363 -12.51 1.75 16.97
CA HIS A 363 -12.67 0.32 17.21
C HIS A 363 -13.53 -0.31 16.12
N LEU A 364 -13.36 -1.62 15.95
CA LEU A 364 -14.06 -2.42 14.95
C LEU A 364 -14.87 -3.54 15.61
N SER A 365 -15.42 -3.28 16.79
CA SER A 365 -16.07 -4.34 17.57
C SER A 365 -17.47 -4.67 17.07
N PHE A 366 -18.10 -3.79 16.29
CA PHE A 366 -19.38 -4.08 15.66
C PHE A 366 -19.24 -4.50 14.21
N GLY A 367 -18.03 -4.79 13.77
CA GLY A 367 -17.80 -5.08 12.37
C GLY A 367 -17.69 -3.80 11.56
N LEU A 368 -17.83 -3.98 10.25
CA LEU A 368 -17.68 -2.85 9.34
C LEU A 368 -18.23 -3.25 7.98
N GLY A 369 -19.01 -2.36 7.39
CA GLY A 369 -19.45 -2.54 6.01
C GLY A 369 -20.73 -3.33 5.91
N MET A 370 -20.75 -4.30 5.00
CA MET A 370 -21.96 -5.06 4.70
C MET A 370 -22.60 -5.62 5.97
N HIS A 371 -21.82 -6.36 6.76
CA HIS A 371 -22.33 -7.09 7.90
C HIS A 371 -22.14 -6.34 9.22
N TYR A 372 -22.00 -5.02 9.17
CA TYR A 372 -21.94 -4.23 10.40
C TYR A 372 -23.15 -4.55 11.26
N CYS A 373 -22.93 -4.61 12.57
CA CYS A 373 -23.94 -5.11 13.49
C CYS A 373 -25.25 -4.34 13.34
N ILE A 374 -26.34 -5.09 13.15
CA ILE A 374 -27.66 -4.48 13.04
C ILE A 374 -28.18 -4.05 14.40
N GLY A 375 -27.73 -4.70 15.48
CA GLY A 375 -28.17 -4.33 16.82
C GLY A 375 -27.17 -3.50 17.60
N ALA A 376 -26.40 -2.66 16.90
CA ALA A 376 -25.38 -1.85 17.56
C ALA A 376 -26.00 -0.70 18.34
N SER A 377 -27.03 -0.06 17.79
CA SER A 377 -27.69 1.04 18.49
C SER A 377 -28.41 0.54 19.74
N LEU A 378 -28.96 -0.68 19.67
CA LEU A 378 -29.62 -1.28 20.82
C LEU A 378 -28.63 -1.59 21.92
N ALA A 379 -27.54 -2.28 21.58
CA ALA A 379 -26.54 -2.65 22.59
C ALA A 379 -25.88 -1.43 23.21
N ARG A 380 -25.68 -0.37 22.42
CA ARG A 380 -25.13 0.87 22.98
C ARG A 380 -26.08 1.48 23.99
N LEU A 381 -27.34 1.71 23.59
CA LEU A 381 -28.29 2.38 24.46
C LEU A 381 -28.52 1.59 25.74
N GLU A 382 -28.53 0.25 25.64
CA GLU A 382 -28.69 -0.56 26.84
C GLU A 382 -27.46 -0.52 27.73
N ALA A 383 -26.27 -0.54 27.13
CA ALA A 383 -25.05 -0.41 27.92
C ALA A 383 -24.97 0.96 28.58
N GLN A 384 -25.35 2.02 27.86
CA GLN A 384 -25.30 3.36 28.42
C GLN A 384 -26.30 3.53 29.56
N ILE A 385 -27.51 2.99 29.40
CA ILE A 385 -28.53 3.14 30.43
C ILE A 385 -28.19 2.29 31.65
N ALA A 386 -27.72 1.06 31.43
CA ALA A 386 -27.42 0.16 32.54
C ALA A 386 -26.23 0.66 33.34
N LEU A 387 -25.19 1.17 32.67
CA LEU A 387 -24.03 1.66 33.38
C LEU A 387 -24.38 2.90 34.21
N ARG A 388 -25.14 3.82 33.63
CA ARG A 388 -25.53 5.03 34.37
C ARG A 388 -26.46 4.69 35.53
N GLY A 389 -27.41 3.78 35.31
CA GLY A 389 -28.32 3.41 36.37
C GLY A 389 -27.61 2.85 37.60
N PHE A 390 -26.61 2.00 37.38
CA PHE A 390 -25.85 1.44 38.52
C PHE A 390 -25.04 2.53 39.23
N LEU A 391 -24.34 3.37 38.48
CA LEU A 391 -23.42 4.38 39.08
C LEU A 391 -24.21 5.47 39.83
N ARG A 392 -25.41 5.80 39.37
CA ARG A 392 -26.27 6.77 40.07
C ARG A 392 -26.86 6.13 41.33
N ARG A 393 -26.95 4.80 41.41
CA ARG A 393 -27.64 4.13 42.54
C ARG A 393 -26.64 3.73 43.62
N PHE A 394 -25.44 3.34 43.22
CA PHE A 394 -24.39 2.93 44.17
C PHE A 394 -23.17 3.81 43.92
N PRO A 395 -23.17 5.09 44.36
CA PRO A 395 -22.08 6.00 44.04
C PRO A 395 -20.77 5.69 44.77
N GLU A 396 -20.83 4.84 45.78
CA GLU A 396 -19.61 4.49 46.51
C GLU A 396 -19.26 3.01 46.36
N ALA A 397 -19.54 2.43 45.20
CA ALA A 397 -19.25 1.02 44.96
C ALA A 397 -17.77 0.81 44.64
N ARG A 398 -17.27 -0.37 45.01
CA ARG A 398 -15.87 -0.71 44.78
C ARG A 398 -15.76 -2.21 44.54
N LEU A 399 -14.63 -2.60 43.94
CA LEU A 399 -14.43 -4.00 43.57
C LEU A 399 -13.92 -4.84 44.74
N SER A 400 -12.88 -4.37 45.42
CA SER A 400 -12.24 -5.10 46.53
C SER A 400 -11.69 -6.45 46.08
N GLY A 412 -11.89 -13.64 43.04
CA GLY A 412 -11.73 -12.38 42.33
C GLY A 412 -12.49 -12.32 41.03
N VAL A 413 -12.15 -11.35 40.18
CA VAL A 413 -12.76 -11.26 38.86
C VAL A 413 -12.33 -12.47 38.04
N GLU A 414 -13.29 -13.24 37.55
CA GLU A 414 -12.99 -14.39 36.72
C GLU A 414 -13.64 -14.22 35.36
N TRP A 415 -12.95 -14.73 34.34
CA TRP A 415 -13.36 -14.63 32.95
C TRP A 415 -13.70 -16.01 32.41
N GLU A 416 -14.44 -16.00 31.31
CA GLU A 416 -14.65 -17.17 30.47
C GLU A 416 -14.48 -16.73 29.03
N SER A 417 -13.52 -17.31 28.33
CA SER A 417 -13.17 -16.77 27.03
C SER A 417 -12.54 -17.84 26.15
N GLU A 418 -12.74 -17.68 24.84
CA GLU A 418 -11.97 -18.34 23.80
C GLU A 418 -11.56 -17.27 22.80
N TRP A 419 -10.94 -17.66 21.68
CA TRP A 419 -10.48 -16.66 20.73
C TRP A 419 -11.63 -15.96 19.98
N MET A 420 -12.85 -16.49 20.04
CA MET A 420 -13.98 -15.90 19.33
C MET A 420 -15.06 -15.33 20.24
N ILE A 421 -14.96 -15.52 21.56
CA ILE A 421 -15.93 -14.95 22.48
C ILE A 421 -15.24 -14.77 23.83
N ARG A 422 -15.67 -13.76 24.57
CA ARG A 422 -15.02 -13.38 25.83
C ARG A 422 -16.05 -12.74 26.74
N ARG A 423 -16.08 -13.22 27.97
CA ARG A 423 -17.04 -12.66 28.95
C ARG A 423 -16.58 -12.80 30.39
N MET A 424 -17.00 -11.87 31.22
CA MET A 424 -16.83 -12.00 32.65
C MET A 424 -18.02 -12.75 33.24
N ILE A 425 -17.73 -13.70 34.12
CA ILE A 425 -18.79 -14.48 34.75
C ILE A 425 -19.01 -14.10 36.21
N VAL A 426 -18.01 -13.55 36.90
CA VAL A 426 -18.27 -12.82 38.14
C VAL A 426 -17.50 -11.52 38.13
N LEU A 427 -18.11 -10.49 38.69
CA LEU A 427 -17.49 -9.19 38.94
C LEU A 427 -17.85 -8.86 40.38
N PRO A 428 -16.97 -9.36 41.32
CA PRO A 428 -17.39 -9.16 42.70
C PRO A 428 -17.25 -7.78 43.17
N ALA A 429 -18.35 -7.22 43.56
CA ALA A 429 -18.34 -5.89 44.04
C ALA A 429 -18.84 -5.68 45.45
N GLU A 430 -18.73 -4.47 45.92
CA GLU A 430 -19.27 -4.12 47.21
C GLU A 430 -20.08 -2.92 46.85
N VAL A 431 -21.38 -2.99 46.98
CA VAL A 431 -22.23 -1.92 46.53
C VAL A 431 -22.33 -0.67 47.39
N GLY A 432 -22.23 -0.81 48.71
CA GLY A 432 -22.38 0.33 49.59
C GLY A 432 -23.84 0.64 49.77
N LEU A 433 -24.19 1.91 49.74
CA LEU A 433 -25.58 2.31 49.93
C LEU A 433 -26.08 3.25 48.86
N GLU A 434 -27.39 3.42 48.74
CA GLU A 434 -27.96 4.21 47.63
C GLU A 434 -27.73 5.70 47.45
N ALA B 26 28.07 1.87 8.73
CA ALA B 26 28.80 3.08 8.36
C ALA B 26 28.07 4.34 8.84
N GLU B 27 28.84 5.29 9.36
CA GLU B 27 28.27 6.54 9.84
C GLU B 27 28.11 7.55 8.71
N ALA B 28 27.04 8.34 8.77
CA ALA B 28 26.78 9.34 7.74
C ALA B 28 27.60 10.60 8.01
N PRO B 29 28.19 11.20 6.97
CA PRO B 29 29.05 12.36 7.16
C PRO B 29 28.25 13.65 7.34
N GLU B 30 28.98 14.72 7.65
CA GLU B 30 28.37 16.00 7.98
C GLU B 30 28.26 16.89 6.75
N ALA B 31 27.11 17.55 6.60
CA ALA B 31 26.85 18.53 5.56
C ALA B 31 26.24 19.77 6.20
N HIS B 32 25.92 20.77 5.39
CA HIS B 32 25.41 22.04 5.92
C HIS B 32 24.39 22.63 4.96
N MET B 33 23.17 22.81 5.46
CA MET B 33 22.08 23.45 4.74
C MET B 33 21.50 24.57 5.59
N PRO B 34 20.99 25.63 4.96
CA PRO B 34 20.40 26.75 5.72
C PRO B 34 19.10 26.32 6.39
N THR B 35 19.05 26.47 7.72
CA THR B 35 17.93 26.01 8.51
C THR B 35 16.98 27.12 8.96
N ASP B 36 17.30 28.38 8.68
CA ASP B 36 16.46 29.50 9.08
C ASP B 36 15.96 30.27 7.86
N PRO B 37 14.69 30.66 7.83
CA PRO B 37 14.13 31.30 6.64
C PRO B 37 14.57 32.75 6.51
N GLY B 38 14.52 33.24 5.27
CA GLY B 38 14.88 34.59 4.95
C GLY B 38 14.91 34.81 3.46
N PRO B 39 15.41 35.98 3.03
CA PRO B 39 15.30 36.41 1.62
C PRO B 39 16.44 35.90 0.74
N PHE B 40 16.43 34.60 0.48
CA PHE B 40 17.45 34.00 -0.37
C PHE B 40 16.89 32.74 -1.02
N ASP B 41 17.47 32.39 -2.16
CA ASP B 41 17.19 31.12 -2.81
C ASP B 41 18.25 30.12 -2.34
N CYS B 42 17.83 29.16 -1.52
CA CYS B 42 18.73 28.19 -0.93
C CYS B 42 18.85 26.91 -1.75
N MET B 43 18.23 26.86 -2.93
CA MET B 43 18.26 25.65 -3.75
C MET B 43 19.66 25.15 -4.06
N PRO B 44 20.63 25.98 -4.48
CA PRO B 44 21.97 25.44 -4.76
C PRO B 44 22.64 24.84 -3.53
N GLU B 45 22.39 25.38 -2.34
CA GLU B 45 23.00 24.84 -1.13
C GLU B 45 22.35 23.52 -0.72
N LEU B 46 21.08 23.33 -1.07
CA LEU B 46 20.40 22.07 -0.72
C LEU B 46 20.88 20.94 -1.60
N LEU B 47 21.12 21.21 -2.89
CA LEU B 47 21.57 20.17 -3.79
C LEU B 47 23.07 19.88 -3.65
N ALA B 48 23.84 20.87 -3.20
CA ALA B 48 25.27 20.65 -2.98
C ALA B 48 25.50 19.67 -1.84
N ALA B 49 24.72 19.78 -0.77
CA ALA B 49 24.84 18.86 0.35
C ALA B 49 24.35 17.46 0.00
N ALA B 50 23.60 17.31 -1.09
CA ALA B 50 23.06 16.00 -1.49
C ALA B 50 24.06 15.16 -2.28
N ARG B 51 25.16 15.76 -2.75
CA ARG B 51 26.21 15.01 -3.43
C ARG B 51 27.38 14.69 -2.52
N VAL B 52 27.29 15.05 -1.23
CA VAL B 52 28.34 14.69 -0.29
C VAL B 52 28.28 13.21 0.05
N ALA B 53 27.07 12.68 0.21
CA ALA B 53 26.86 11.26 0.51
C ALA B 53 25.40 10.93 0.25
N PRO B 54 25.07 9.64 0.09
CA PRO B 54 23.65 9.27 -0.01
C PRO B 54 22.87 9.63 1.25
N VAL B 55 23.48 9.49 2.42
CA VAL B 55 22.87 9.86 3.69
C VAL B 55 23.85 10.77 4.43
N VAL B 56 23.38 11.95 4.83
CA VAL B 56 24.24 12.95 5.48
C VAL B 56 23.60 13.40 6.79
N ARG B 57 24.38 14.17 7.57
CA ARG B 57 23.94 14.75 8.83
C ARG B 57 24.25 16.25 8.82
N ILE B 58 23.34 17.04 9.41
CA ILE B 58 23.44 18.48 9.36
C ILE B 58 23.24 19.04 10.76
N PRO B 59 23.95 20.09 11.17
CA PRO B 59 23.61 20.75 12.44
C PRO B 59 22.21 21.32 12.42
N TYR B 60 21.43 21.00 13.45
CA TYR B 60 20.06 21.50 13.57
C TYR B 60 19.72 21.68 15.04
N LEU B 61 19.45 22.93 15.44
CA LEU B 61 19.04 23.26 16.80
C LEU B 61 20.03 22.73 17.83
N GLY B 62 21.32 22.88 17.53
CA GLY B 62 22.37 22.46 18.44
C GLY B 62 22.80 21.02 18.29
N ARG B 63 21.96 20.16 17.71
CA ARG B 63 22.32 18.77 17.53
C ARG B 63 22.37 18.42 16.05
N HIS B 64 22.12 17.16 15.70
CA HIS B 64 22.24 16.72 14.31
C HIS B 64 20.96 16.05 13.87
N ALA B 65 20.75 16.03 12.56
CA ALA B 65 19.60 15.42 11.94
C ALA B 65 20.03 14.70 10.67
N TRP B 66 19.50 13.50 10.46
CA TRP B 66 19.80 12.70 9.30
C TRP B 66 18.84 13.07 8.17
N VAL B 67 19.38 13.28 6.96
CA VAL B 67 18.54 13.46 5.77
C VAL B 67 18.98 12.48 4.69
N VAL B 68 18.00 11.94 3.98
CA VAL B 68 18.25 11.05 2.85
C VAL B 68 18.32 11.89 1.59
N CYS B 69 19.35 11.65 0.77
CA CYS B 69 19.57 12.42 -0.44
C CYS B 69 19.60 11.59 -1.71
N ASP B 70 19.91 10.30 -1.61
CA ASP B 70 19.87 9.43 -2.78
C ASP B 70 18.42 9.28 -3.25
N PRO B 71 18.14 9.51 -4.53
CA PRO B 71 16.73 9.48 -4.97
C PRO B 71 16.00 8.19 -4.66
N GLU B 72 16.68 7.05 -4.72
CA GLU B 72 16.01 5.80 -4.41
C GLU B 72 16.10 5.42 -2.94
N LEU B 73 17.10 5.92 -2.21
CA LEU B 73 17.04 5.79 -0.77
C LEU B 73 15.94 6.66 -0.17
N VAL B 74 15.66 7.81 -0.81
CA VAL B 74 14.54 8.65 -0.38
C VAL B 74 13.22 7.92 -0.61
N ARG B 75 13.05 7.34 -1.79
CA ARG B 75 11.80 6.67 -2.13
C ARG B 75 11.52 5.49 -1.21
N THR B 76 12.57 4.80 -0.75
CA THR B 76 12.39 3.72 0.21
C THR B 76 12.17 4.22 1.63
N ALA B 77 12.62 5.44 1.94
CA ALA B 77 12.47 5.97 3.29
C ALA B 77 11.05 6.47 3.57
N LEU B 78 10.38 7.01 2.54
CA LEU B 78 9.02 7.52 2.74
C LEU B 78 8.03 6.40 3.02
N THR B 79 8.35 5.18 2.60
CA THR B 79 7.52 4.01 2.82
C THR B 79 8.05 3.13 3.96
N HIS B 80 9.29 3.36 4.39
CA HIS B 80 9.94 2.57 5.42
C HIS B 80 9.03 2.39 6.64
N PRO B 81 8.73 1.14 7.02
CA PRO B 81 7.89 0.92 8.21
C PRO B 81 8.57 1.30 9.51
N LEU B 82 9.90 1.37 9.53
CA LEU B 82 10.64 1.70 10.74
C LEU B 82 10.88 3.19 10.92
N LEU B 83 10.25 4.03 10.08
CA LEU B 83 10.34 5.47 10.19
C LEU B 83 8.93 6.01 10.44
N ALA B 84 8.66 6.44 11.67
CA ALA B 84 7.34 6.85 12.11
C ALA B 84 7.27 8.36 12.29
N LYS B 85 6.05 8.85 12.50
CA LYS B 85 5.77 10.28 12.53
C LYS B 85 5.09 10.76 13.81
N ASP B 86 4.81 9.85 14.76
CA ASP B 86 4.05 10.23 15.93
C ASP B 86 4.83 11.25 16.77
N VAL B 87 4.09 12.18 17.37
CA VAL B 87 4.72 13.27 18.11
C VAL B 87 5.41 12.78 19.38
N THR B 88 5.02 11.62 19.91
CA THR B 88 5.69 11.09 21.10
C THR B 88 7.15 10.74 20.81
N LEU B 89 7.48 10.44 19.56
CA LEU B 89 8.84 10.08 19.20
C LEU B 89 9.74 11.30 18.99
N VAL B 90 9.24 12.50 19.26
CA VAL B 90 10.00 13.73 19.06
C VAL B 90 10.84 14.02 20.30
N PRO B 91 12.17 14.15 20.17
CA PRO B 91 13.00 14.51 21.32
C PRO B 91 12.69 15.93 21.81
N ASP B 92 13.05 16.17 23.08
CA ASP B 92 12.68 17.42 23.73
C ASP B 92 13.44 18.61 23.16
N TRP B 93 14.67 18.39 22.67
CA TRP B 93 15.46 19.50 22.14
C TRP B 93 14.95 20.01 20.80
N MET B 94 13.97 19.34 20.19
CA MET B 94 13.37 19.79 18.95
C MET B 94 12.00 20.44 19.15
N ARG B 95 11.41 20.31 20.35
CA ARG B 95 10.09 20.86 20.62
C ARG B 95 10.17 22.33 21.03
N LYS B 96 10.79 23.12 20.17
CA LYS B 96 10.89 24.54 20.48
C LYS B 96 9.61 25.26 20.06
N PRO B 97 9.13 26.20 20.89
CA PRO B 97 7.89 26.92 20.54
C PRO B 97 8.09 27.76 19.30
N GLY B 98 7.04 27.82 18.48
CA GLY B 98 7.11 28.41 17.17
C GLY B 98 7.41 27.43 16.05
N LEU B 99 7.90 26.24 16.38
CA LEU B 99 8.18 25.20 15.41
C LEU B 99 7.09 24.13 15.43
N MET B 100 6.95 23.43 14.31
CA MET B 100 5.88 22.46 14.15
C MET B 100 5.89 21.41 15.26
N LEU B 101 7.08 20.92 15.61
CA LEU B 101 7.17 19.87 16.62
C LEU B 101 6.94 20.42 18.02
N GLY B 102 7.26 21.69 18.26
CA GLY B 102 6.93 22.29 19.54
C GLY B 102 5.53 22.82 19.67
N SER B 103 4.68 22.59 18.65
CA SER B 103 3.34 23.15 18.60
C SER B 103 2.25 22.08 18.58
N GLN B 104 2.60 20.84 18.88
CA GLN B 104 1.51 19.88 18.77
C GLN B 104 0.82 19.67 20.10
N PRO B 105 -0.52 19.56 20.13
CA PRO B 105 -1.21 19.29 21.39
C PRO B 105 -0.96 17.87 21.89
N ASP B 106 -1.64 17.49 22.96
CA ASP B 106 -1.48 16.16 23.53
C ASP B 106 -1.76 15.11 22.46
N PRO B 107 -0.90 14.09 22.32
CA PRO B 107 -1.24 12.97 21.42
C PRO B 107 -2.61 12.37 21.72
N GLU B 108 -2.88 12.08 22.99
CA GLU B 108 -4.24 11.79 23.40
C GLU B 108 -5.11 13.02 23.18
N PHE B 109 -6.41 12.79 22.95
CA PHE B 109 -7.40 13.80 22.59
C PHE B 109 -7.34 14.13 21.10
N ALA B 110 -6.18 14.53 20.58
CA ALA B 110 -6.12 14.95 19.19
C ALA B 110 -4.70 14.84 18.64
N ARG B 111 -4.57 14.18 17.49
CA ARG B 111 -3.36 14.19 16.68
C ARG B 111 -3.66 14.85 15.35
N THR B 112 -2.64 15.45 14.75
CA THR B 112 -2.76 15.90 13.37
C THR B 112 -2.38 14.76 12.43
N MET B 113 -2.97 14.78 11.23
CA MET B 113 -2.89 13.61 10.35
C MET B 113 -1.46 13.29 9.97
N ILE B 114 -0.63 14.31 9.73
CA ILE B 114 0.75 14.09 9.30
C ILE B 114 1.65 13.60 10.42
N MET B 115 1.19 13.64 11.67
CA MET B 115 1.94 13.14 12.82
C MET B 115 1.20 12.03 13.54
N SER B 116 0.56 11.15 12.78
CA SER B 116 -0.06 9.95 13.31
C SER B 116 0.32 8.78 12.42
N ASP B 117 0.32 7.58 13.00
CA ASP B 117 0.74 6.38 12.31
C ASP B 117 -0.26 5.25 12.54
N GLY B 118 -0.19 4.26 11.67
CA GLY B 118 -1.01 3.06 11.84
C GLY B 118 -2.49 3.38 11.73
N ALA B 119 -3.28 2.73 12.60
CA ALA B 119 -4.73 2.93 12.58
C ALA B 119 -5.09 4.36 12.97
N HIS B 120 -4.23 5.03 13.73
CA HIS B 120 -4.47 6.43 14.08
C HIS B 120 -4.52 7.29 12.82
N HIS B 121 -3.53 7.12 11.94
CA HIS B 121 -3.51 7.90 10.71
C HIS B 121 -4.64 7.50 9.76
N ALA B 122 -4.94 6.20 9.72
CA ALA B 122 -5.99 5.72 8.83
C ALA B 122 -7.35 6.31 9.19
N ARG B 123 -7.68 6.31 10.49
CA ARG B 123 -8.96 6.87 10.92
C ARG B 123 -9.04 8.35 10.62
N ILE B 124 -7.95 9.08 10.86
CA ILE B 124 -7.94 10.52 10.61
C ILE B 124 -8.13 10.79 9.12
N ARG B 125 -7.33 10.13 8.28
CA ARG B 125 -7.45 10.34 6.84
C ARG B 125 -8.80 9.87 6.31
N ARG B 126 -9.36 8.81 6.91
CA ARG B 126 -10.67 8.33 6.49
C ARG B 126 -11.77 9.34 6.82
N LEU B 127 -11.72 9.93 8.01
CA LEU B 127 -12.74 10.91 8.38
C LEU B 127 -12.65 12.17 7.52
N HIS B 128 -11.46 12.47 6.99
CA HIS B 128 -11.34 13.64 6.11
C HIS B 128 -12.00 13.38 4.76
N ALA B 129 -11.85 12.17 4.23
CA ALA B 129 -12.47 11.83 2.95
C ALA B 129 -13.98 11.97 3.01
N SER B 130 -14.59 11.57 4.14
CA SER B 130 -16.01 11.77 4.37
C SER B 130 -16.30 13.25 4.60
N ILE B 131 -16.26 14.03 3.53
CA ILE B 131 -16.31 15.47 3.62
C ILE B 131 -17.60 16.00 3.00
N ARG B 135 -18.52 13.78 -0.54
CA ARG B 135 -19.46 14.27 -1.54
C ARG B 135 -18.81 15.22 -2.55
N ASN B 136 -18.24 14.67 -3.61
CA ASN B 136 -17.64 15.45 -4.68
C ASN B 136 -18.53 15.48 -5.92
N THR B 137 -19.80 15.79 -5.70
CA THR B 137 -20.72 16.10 -6.78
C THR B 137 -20.74 17.58 -7.10
N GLU B 138 -20.44 18.43 -6.13
CA GLU B 138 -20.23 19.85 -6.38
C GLU B 138 -18.92 20.03 -7.14
N ARG B 139 -18.98 20.80 -8.23
CA ARG B 139 -17.81 21.04 -9.06
C ARG B 139 -17.00 22.21 -8.51
N TRP B 140 -15.71 21.96 -8.25
CA TRP B 140 -14.84 22.98 -7.71
C TRP B 140 -14.14 23.80 -8.80
N GLY B 141 -13.92 23.22 -9.97
CA GLY B 141 -13.27 23.96 -11.04
C GLY B 141 -14.04 25.18 -11.47
N GLU B 142 -15.36 25.09 -11.45
CA GLU B 142 -16.14 26.31 -11.78
C GLU B 142 -15.82 27.38 -10.73
N ARG B 143 -15.71 26.99 -9.47
CA ARG B 143 -15.48 27.98 -8.38
C ARG B 143 -14.11 28.63 -8.50
N VAL B 144 -13.07 27.83 -8.76
CA VAL B 144 -11.72 28.40 -8.97
C VAL B 144 -11.78 29.31 -10.19
N GLU B 145 -12.34 28.82 -11.30
CA GLU B 145 -12.38 29.61 -12.54
C GLU B 145 -13.01 30.97 -12.24
N ALA B 146 -14.13 30.98 -11.53
CA ALA B 146 -14.78 32.26 -11.20
C ALA B 146 -13.83 33.17 -10.44
N LYS B 147 -13.29 32.70 -9.32
CA LYS B 147 -12.39 33.52 -8.49
C LYS B 147 -11.21 33.98 -9.34
N VAL B 148 -10.66 33.08 -10.15
CA VAL B 148 -9.46 33.42 -10.97
C VAL B 148 -9.85 34.53 -11.93
N GLY B 149 -11.03 34.45 -12.54
CA GLY B 149 -11.50 35.54 -13.41
C GLY B 149 -11.62 36.83 -12.65
N GLY B 150 -12.13 36.74 -11.43
CA GLY B 150 -12.28 37.93 -10.62
C GLY B 150 -10.95 38.55 -10.23
N PHE B 151 -9.96 37.72 -9.89
CA PHE B 151 -8.65 38.24 -9.55
C PHE B 151 -7.90 38.71 -10.79
N LEU B 152 -8.13 38.06 -11.94
CA LEU B 152 -7.60 38.59 -13.19
C LEU B 152 -8.25 39.92 -13.55
N ASP B 153 -9.54 40.09 -13.20
CA ASP B 153 -10.18 41.39 -13.35
C ASP B 153 -9.57 42.43 -12.42
N GLU B 154 -9.39 42.06 -11.13
CA GLU B 154 -8.79 42.97 -10.17
C GLU B 154 -7.36 43.31 -10.53
N LEU B 155 -6.68 42.42 -11.26
CA LEU B 155 -5.33 42.73 -11.73
C LEU B 155 -5.38 43.75 -12.87
N GLU B 156 -6.19 43.48 -13.89
CA GLU B 156 -6.22 44.35 -15.06
C GLU B 156 -6.75 45.74 -14.73
N ALA B 157 -7.34 45.93 -13.56
CA ALA B 157 -7.90 47.22 -13.19
C ALA B 157 -6.84 48.06 -12.48
N SER B 158 -5.59 47.94 -12.90
CA SER B 158 -4.51 48.70 -12.29
C SER B 158 -3.46 49.12 -13.32
N ALA B 164 5.26 50.36 -15.20
CA ALA B 164 4.09 49.53 -15.46
C ALA B 164 4.30 48.09 -14.97
N GLU B 165 5.33 47.90 -14.14
CA GLU B 165 5.63 46.57 -13.61
C GLU B 165 4.63 46.19 -12.50
N VAL B 166 4.33 44.90 -12.41
CA VAL B 166 3.36 44.37 -11.46
C VAL B 166 3.95 43.13 -10.81
N ASN B 167 3.83 43.05 -9.50
CA ASN B 167 4.17 41.83 -8.76
C ASN B 167 2.96 40.90 -8.79
N VAL B 168 3.05 39.83 -9.57
CA VAL B 168 1.93 38.91 -9.68
C VAL B 168 1.82 37.96 -8.49
N VAL B 169 2.83 37.90 -7.63
CA VAL B 169 2.70 37.12 -6.40
C VAL B 169 1.64 37.75 -5.50
N THR B 170 1.83 39.02 -5.14
CA THR B 170 0.89 39.69 -4.24
C THR B 170 -0.42 40.06 -4.92
N ALA B 171 -0.42 40.19 -6.24
CA ALA B 171 -1.61 40.63 -6.96
C ALA B 171 -2.39 39.48 -7.61
N TYR B 172 -1.97 38.23 -7.41
CA TYR B 172 -2.61 37.13 -8.11
C TYR B 172 -2.43 35.80 -7.38
N THR B 173 -1.22 35.26 -7.42
CA THR B 173 -0.93 33.93 -6.84
C THR B 173 -1.26 33.83 -5.35
N HIS B 174 -1.18 34.93 -4.60
CA HIS B 174 -1.42 34.88 -3.14
C HIS B 174 -2.92 34.85 -2.87
N ARG B 175 -3.72 35.39 -3.77
CA ARG B 175 -5.14 35.54 -3.44
C ARG B 175 -5.99 34.38 -3.91
N ILE B 176 -5.49 33.58 -4.85
CA ILE B 176 -6.34 32.55 -5.43
C ILE B 176 -6.52 31.38 -4.46
N PRO B 177 -5.45 30.69 -4.00
CA PRO B 177 -5.69 29.58 -3.08
C PRO B 177 -6.22 30.04 -1.74
N LEU B 178 -5.87 31.25 -1.30
CA LEU B 178 -6.40 31.80 -0.05
C LEU B 178 -7.91 31.97 -0.13
N ALA B 179 -8.40 32.58 -1.22
CA ALA B 179 -9.82 32.83 -1.35
C ALA B 179 -10.64 31.56 -1.51
N PHE B 180 -10.04 30.52 -2.08
CA PHE B 180 -10.81 29.31 -2.36
C PHE B 180 -10.92 28.42 -1.13
N ILE B 181 -9.84 28.25 -0.37
CA ILE B 181 -9.92 27.43 0.84
C ILE B 181 -10.76 28.12 1.90
N SER B 182 -10.73 29.45 1.95
CA SER B 182 -11.53 30.17 2.94
C SER B 182 -13.02 29.89 2.75
N GLU B 183 -13.47 29.90 1.50
CA GLU B 183 -14.89 29.65 1.24
C GLU B 183 -15.22 28.17 1.37
N MET B 184 -14.28 27.28 1.04
CA MET B 184 -14.52 25.85 1.25
C MET B 184 -14.60 25.54 2.74
N LEU B 185 -13.71 26.13 3.55
CA LEU B 185 -13.74 25.91 4.99
C LEU B 185 -14.91 26.61 5.67
N GLY B 186 -15.46 27.66 5.05
CA GLY B 186 -16.54 28.38 5.68
C GLY B 186 -16.11 29.44 6.67
N LEU B 187 -14.87 29.89 6.59
CA LEU B 187 -14.39 30.96 7.46
C LEU B 187 -15.04 32.28 7.06
N PRO B 188 -15.24 33.19 8.01
CA PRO B 188 -15.78 34.51 7.66
C PRO B 188 -14.87 35.25 6.68
N LEU B 189 -15.48 36.04 5.81
CA LEU B 189 -14.75 36.81 4.80
C LEU B 189 -13.77 37.79 5.43
N GLU B 190 -13.97 38.15 6.69
CA GLU B 190 -13.18 39.20 7.31
C GLU B 190 -11.85 38.69 7.84
N ALA B 191 -11.76 37.40 8.16
CA ALA B 191 -10.49 36.80 8.56
C ALA B 191 -9.60 36.47 7.37
N GLU B 192 -10.13 36.57 6.15
CA GLU B 192 -9.35 36.23 4.97
C GLU B 192 -8.13 37.14 4.82
N ARG B 193 -8.30 38.41 5.17
CA ARG B 193 -7.26 39.40 4.95
C ARG B 193 -6.16 39.30 5.99
N ARG B 194 -6.52 38.91 7.22
CA ARG B 194 -5.54 38.79 8.30
C ARG B 194 -4.94 37.40 8.41
N LEU B 195 -5.53 36.40 7.76
CA LEU B 195 -4.97 35.06 7.81
C LEU B 195 -3.63 34.99 7.10
N ARG B 196 -3.52 35.66 5.95
CA ARG B 196 -2.26 35.71 5.23
C ARG B 196 -1.14 36.23 6.10
N SER B 197 -1.43 37.22 6.95
CA SER B 197 -0.40 37.79 7.81
C SER B 197 0.03 36.80 8.90
N ILE B 198 -0.92 36.02 9.43
CA ILE B 198 -0.59 35.10 10.51
C ILE B 198 0.29 33.97 9.99
N THR B 199 -0.12 33.33 8.89
CA THR B 199 0.65 32.21 8.37
C THR B 199 2.01 32.65 7.83
N ASP B 200 2.10 33.86 7.27
CA ASP B 200 3.38 34.35 6.79
C ASP B 200 4.39 34.39 7.93
N VAL B 201 3.95 34.75 9.13
CA VAL B 201 4.84 34.72 10.29
C VAL B 201 5.17 33.29 10.67
N ILE B 202 4.15 32.44 10.79
CA ILE B 202 4.37 31.06 11.20
C ILE B 202 5.34 30.37 10.26
N LEU B 203 5.24 30.64 8.96
CA LEU B 203 5.95 29.86 7.96
C LEU B 203 7.26 30.49 7.49
N TYR B 204 7.43 31.80 7.61
CA TYR B 204 8.60 32.46 7.02
C TYR B 204 9.35 33.38 7.96
N SER B 205 8.88 33.56 9.20
CA SER B 205 9.56 34.45 10.12
C SER B 205 10.79 33.77 10.72
N ASP B 206 11.81 34.57 11.01
CA ASP B 206 13.04 34.12 11.63
C ASP B 206 13.08 34.41 13.13
N ASP B 207 11.95 34.81 13.71
CA ASP B 207 11.86 35.17 15.12
C ASP B 207 11.01 34.13 15.84
N TYR B 208 11.55 33.56 16.92
CA TYR B 208 10.84 32.49 17.61
C TYR B 208 9.67 33.00 18.43
N PRO B 209 9.81 34.06 19.25
CA PRO B 209 8.61 34.61 19.90
C PRO B 209 7.50 34.98 18.92
N ALA B 210 7.86 35.57 17.78
CA ALA B 210 6.85 35.94 16.79
C ALA B 210 6.16 34.73 16.21
N ARG B 211 6.93 33.69 15.85
CA ARG B 211 6.33 32.45 15.38
C ARG B 211 5.53 31.78 16.48
N GLY B 212 6.04 31.82 17.72
CA GLY B 212 5.26 31.29 18.83
C GLY B 212 3.95 32.02 19.03
N ALA B 213 3.97 33.34 18.90
CA ALA B 213 2.74 34.11 19.06
C ALA B 213 1.76 33.83 17.93
N ALA B 214 2.24 33.83 16.68
CA ALA B 214 1.35 33.65 15.54
C ALA B 214 0.67 32.29 15.55
N VAL B 215 1.35 31.27 16.08
CA VAL B 215 0.74 29.95 16.18
C VAL B 215 -0.37 29.95 17.22
N GLY B 216 -0.12 30.55 18.38
CA GLY B 216 -1.16 30.68 19.40
C GLY B 216 -2.33 31.53 18.94
N ALA B 217 -2.06 32.57 18.15
CA ALA B 217 -3.14 33.37 17.58
C ALA B 217 -4.06 32.53 16.70
N LEU B 218 -3.48 31.65 15.88
CA LEU B 218 -4.29 30.83 14.99
C LEU B 218 -5.10 29.80 15.76
N TYR B 219 -4.48 29.09 16.70
CA TYR B 219 -5.22 28.11 17.54
C TYR B 219 -6.35 28.79 18.29
N GLY B 220 -6.10 29.94 18.89
CA GLY B 220 -7.12 30.61 19.69
C GLY B 220 -8.30 31.08 18.85
N ALA B 221 -8.04 31.49 17.62
CA ALA B 221 -9.13 31.89 16.72
C ALA B 221 -9.92 30.68 16.24
N VAL B 222 -9.21 29.62 15.82
CA VAL B 222 -9.88 28.40 15.36
C VAL B 222 -10.79 27.85 16.46
N GLU B 223 -10.34 27.91 17.71
CA GLU B 223 -11.15 27.40 18.81
C GLU B 223 -12.42 28.23 19.00
N SER B 224 -12.30 29.55 18.95
CA SER B 224 -13.48 30.40 19.04
C SER B 224 -14.46 30.09 17.92
N TRP B 225 -13.97 29.59 16.79
CA TRP B 225 -14.82 29.38 15.62
C TRP B 225 -15.62 28.09 15.71
N VAL B 226 -15.16 27.10 16.45
CA VAL B 226 -15.88 25.83 16.48
C VAL B 226 -16.72 25.74 17.74
N ARG B 227 -16.25 26.37 18.83
CA ARG B 227 -17.03 26.38 20.05
C ARG B 227 -18.15 27.40 20.01
N ASP B 228 -18.03 28.39 19.12
CA ASP B 228 -19.11 29.32 18.80
C ASP B 228 -19.12 29.45 17.28
N PRO B 229 -19.75 28.51 16.57
CA PRO B 229 -19.65 28.49 15.10
C PRO B 229 -20.63 29.43 14.41
N ALA B 230 -21.09 30.45 15.13
CA ALA B 230 -22.00 31.42 14.54
C ALA B 230 -21.37 32.21 13.40
N PRO B 231 -20.16 32.83 13.54
CA PRO B 231 -19.64 33.66 12.43
C PRO B 231 -19.13 32.84 11.26
N LEU B 232 -19.39 31.54 11.28
CA LEU B 232 -18.90 30.65 10.25
C LEU B 232 -19.89 30.56 9.10
N ARG B 233 -19.36 30.52 7.88
CA ARG B 233 -20.16 30.21 6.72
C ARG B 233 -20.38 28.70 6.61
N GLU B 234 -21.25 28.32 5.69
CA GLU B 234 -21.43 26.91 5.37
C GLU B 234 -20.15 26.36 4.75
N GLY B 235 -19.66 25.26 5.31
CA GLY B 235 -18.42 24.70 4.80
C GLY B 235 -17.98 23.49 5.57
N VAL B 236 -16.70 23.17 5.43
CA VAL B 236 -16.15 21.93 6.00
C VAL B 236 -16.21 21.96 7.52
N ILE B 237 -15.99 23.14 8.13
CA ILE B 237 -15.93 23.22 9.58
C ILE B 237 -17.30 22.91 10.18
N THR B 238 -18.35 23.55 9.67
CA THR B 238 -19.70 23.26 10.16
C THR B 238 -20.12 21.82 9.85
N ASP B 239 -19.48 21.18 8.86
CA ASP B 239 -19.76 19.78 8.57
C ASP B 239 -19.06 18.85 9.55
N LEU B 240 -17.84 19.19 9.94
CA LEU B 240 -17.15 18.43 10.98
C LEU B 240 -17.83 18.54 12.34
N LEU B 241 -18.75 19.49 12.51
CA LEU B 241 -19.54 19.63 13.73
C LEU B 241 -20.92 19.01 13.60
N ALA B 242 -21.18 18.29 12.51
CA ALA B 242 -22.47 17.67 12.21
C ALA B 242 -22.56 16.31 12.89
N PRO B 243 -23.70 15.60 12.80
CA PRO B 243 -23.76 14.21 13.25
C PRO B 243 -22.66 13.32 12.69
N PRO B 247 -21.80 7.90 14.43
CA PRO B 247 -21.45 6.68 15.16
C PRO B 247 -19.94 6.49 15.30
N GLU B 248 -19.35 5.70 14.40
CA GLU B 248 -17.89 5.58 14.34
C GLU B 248 -17.24 6.75 13.62
N ASP B 249 -18.04 7.59 12.94
CA ASP B 249 -17.54 8.78 12.28
C ASP B 249 -17.55 10.00 13.19
N GLN B 250 -17.46 9.80 14.50
CA GLN B 250 -17.51 10.90 15.45
C GLN B 250 -16.16 11.58 15.54
N VAL B 251 -16.16 12.90 15.33
CA VAL B 251 -14.97 13.73 15.45
C VAL B 251 -15.11 14.56 16.73
N THR B 252 -14.21 14.35 17.67
CA THR B 252 -14.25 15.10 18.92
C THR B 252 -14.06 16.59 18.64
N GLU B 253 -14.51 17.41 19.59
CA GLU B 253 -14.34 18.85 19.47
C GLU B 253 -12.87 19.23 19.35
N GLY B 254 -11.98 18.48 20.00
CA GLY B 254 -10.56 18.80 19.92
C GLY B 254 -9.92 18.37 18.62
N GLU B 255 -10.38 17.25 18.05
CA GLU B 255 -9.87 16.85 16.75
C GLU B 255 -10.29 17.86 15.68
N ALA B 256 -11.49 18.43 15.80
CA ALA B 256 -11.93 19.46 14.87
C ALA B 256 -11.02 20.68 14.94
N ILE B 257 -10.46 20.97 16.11
CA ILE B 257 -9.52 22.08 16.25
C ILE B 257 -8.25 21.80 15.46
N VAL B 258 -7.59 20.68 15.76
CA VAL B 258 -6.26 20.40 15.23
C VAL B 258 -6.32 20.17 13.72
N TRP B 259 -7.40 19.56 13.23
CA TRP B 259 -7.51 19.30 11.80
C TRP B 259 -7.86 20.56 11.03
N THR B 260 -8.59 21.49 11.65
CA THR B 260 -8.83 22.79 11.02
C THR B 260 -7.56 23.63 10.99
N PHE B 261 -6.83 23.65 12.10
CA PHE B 261 -5.53 24.33 12.14
C PHE B 261 -4.62 23.81 11.02
N ALA B 262 -4.48 22.49 10.92
CA ALA B 262 -3.65 21.92 9.87
C ALA B 262 -4.16 22.28 8.49
N MET B 263 -5.49 22.39 8.33
CA MET B 263 -6.06 22.73 7.03
C MET B 263 -5.73 24.17 6.67
N ILE B 264 -5.74 25.06 7.66
CA ILE B 264 -5.37 26.45 7.40
C ILE B 264 -3.88 26.55 7.09
N ILE B 265 -3.06 25.79 7.81
CA ILE B 265 -1.60 25.84 7.62
C ILE B 265 -1.23 25.34 6.23
N THR B 266 -1.77 24.20 5.82
CA THR B 266 -1.34 23.54 4.60
C THR B 266 -2.17 23.93 3.38
N GLY B 267 -3.23 24.72 3.55
CA GLY B 267 -4.29 24.76 2.56
C GLY B 267 -4.09 25.70 1.38
N TYR B 268 -3.26 26.73 1.54
CA TYR B 268 -3.18 27.70 0.46
C TYR B 268 -1.78 28.25 0.21
N GLU B 269 -0.89 28.27 1.20
CA GLU B 269 0.39 28.95 1.02
C GLU B 269 1.23 28.26 -0.05
N THR B 270 1.25 26.93 -0.06
CA THR B 270 2.08 26.22 -1.03
C THR B 270 1.44 26.12 -2.40
N THR B 271 0.10 26.22 -2.49
CA THR B 271 -0.52 26.27 -3.80
C THR B 271 -0.16 27.56 -4.53
N GLY B 272 -0.06 28.67 -3.80
CA GLY B 272 0.38 29.91 -4.41
C GLY B 272 1.84 29.90 -4.82
N SER B 273 2.70 29.21 -4.06
CA SER B 273 4.09 29.04 -4.48
C SER B 273 4.17 28.23 -5.76
N LEU B 274 3.29 27.24 -5.92
CA LEU B 274 3.25 26.46 -7.15
C LEU B 274 2.77 27.31 -8.33
N ILE B 275 1.80 28.19 -8.10
CA ILE B 275 1.33 29.08 -9.16
C ILE B 275 2.41 30.09 -9.52
N SER B 276 3.17 30.56 -8.53
CA SER B 276 4.22 31.53 -8.81
C SER B 276 5.38 30.90 -9.57
N ALA B 277 5.79 29.70 -9.17
CA ALA B 277 6.90 29.04 -9.85
C ALA B 277 6.54 28.69 -11.28
N SER B 278 5.29 28.27 -11.52
CA SER B 278 4.84 27.97 -12.87
C SER B 278 4.73 29.23 -13.71
N LEU B 279 4.19 30.31 -13.13
CA LEU B 279 4.12 31.58 -13.84
C LEU B 279 5.51 32.12 -14.14
N PHE B 280 6.41 32.02 -13.16
CA PHE B 280 7.77 32.53 -13.35
C PHE B 280 8.45 31.85 -14.52
N GLU B 281 8.31 30.52 -14.64
CA GLU B 281 9.01 29.78 -15.69
C GLU B 281 8.38 29.98 -17.07
N ALA B 282 7.16 30.50 -17.13
CA ALA B 282 6.52 30.77 -18.42
C ALA B 282 6.82 32.17 -18.91
N LEU B 283 6.71 33.16 -18.02
CA LEU B 283 6.89 34.58 -18.39
C LEU B 283 8.37 34.83 -18.69
N ARG B 284 9.22 33.92 -18.26
CA ARG B 284 10.68 34.05 -18.49
C ARG B 284 11.00 33.54 -19.89
N ARG B 285 10.05 32.82 -20.47
CA ARG B 285 10.32 32.20 -21.77
C ARG B 285 9.62 33.01 -22.84
N PRO B 286 10.04 32.91 -24.11
CA PRO B 286 9.33 33.57 -25.18
C PRO B 286 7.84 33.16 -25.27
N PRO B 287 6.85 34.02 -25.59
CA PRO B 287 5.44 33.57 -25.59
C PRO B 287 5.20 32.33 -26.43
N GLU B 288 5.93 32.17 -27.54
CA GLU B 288 5.77 30.99 -28.38
C GLU B 288 6.23 29.72 -27.68
N GLU B 289 7.03 29.83 -26.62
CA GLU B 289 7.51 28.69 -25.86
C GLU B 289 6.68 28.42 -24.61
N ARG B 290 5.49 29.06 -24.49
CA ARG B 290 4.64 28.88 -23.33
C ARG B 290 3.51 27.90 -23.62
N PRO B 291 3.05 27.17 -22.61
CA PRO B 291 1.98 26.19 -22.85
C PRO B 291 0.64 26.87 -23.06
N ARG B 292 -0.10 26.36 -24.05
CA ARG B 292 -1.44 26.85 -24.34
C ARG B 292 -2.52 25.79 -24.26
N THR B 293 -2.16 24.51 -24.39
CA THR B 293 -3.09 23.41 -24.45
C THR B 293 -3.23 22.72 -23.10
N ASP B 294 -4.35 22.01 -22.93
CA ASP B 294 -4.71 21.48 -21.62
C ASP B 294 -3.63 20.55 -21.07
N GLU B 295 -3.14 19.63 -21.89
CA GLU B 295 -2.18 18.65 -21.40
C GLU B 295 -0.79 19.26 -21.20
N GLU B 296 -0.43 20.28 -21.98
CA GLU B 296 0.84 20.97 -21.74
C GLU B 296 0.80 21.80 -20.47
N ILE B 297 -0.37 22.30 -20.10
CA ILE B 297 -0.51 23.04 -18.84
C ILE B 297 -0.29 22.11 -17.67
N LYS B 298 -0.95 20.95 -17.67
CA LYS B 298 -0.72 19.97 -16.63
C LYS B 298 0.74 19.54 -16.60
N GLY B 299 1.33 19.29 -17.77
CA GLY B 299 2.75 18.97 -17.82
C GLY B 299 3.62 20.11 -17.34
N TRP B 300 3.16 21.35 -17.53
CA TRP B 300 3.90 22.50 -17.01
C TRP B 300 3.80 22.57 -15.49
N VAL B 301 2.60 22.35 -14.94
CA VAL B 301 2.43 22.32 -13.49
C VAL B 301 3.28 21.21 -12.89
N GLU B 302 3.36 20.07 -13.58
CA GLU B 302 4.12 18.94 -13.04
C GLU B 302 5.61 19.21 -13.05
N GLU B 303 6.12 19.89 -14.08
CA GLU B 303 7.54 20.19 -14.12
C GLU B 303 7.91 21.27 -13.11
N ALA B 304 7.00 22.21 -12.83
CA ALA B 304 7.27 23.18 -11.79
C ALA B 304 7.30 22.54 -10.41
N LEU B 305 6.50 21.50 -10.19
CA LEU B 305 6.55 20.77 -8.93
C LEU B 305 7.88 20.04 -8.77
N ARG B 306 8.40 19.49 -9.86
CA ARG B 306 9.68 18.79 -9.81
C ARG B 306 10.84 19.75 -9.54
N VAL B 307 10.84 20.90 -10.21
CA VAL B 307 11.96 21.84 -10.15
C VAL B 307 11.87 22.76 -8.94
N HIS B 308 10.69 23.27 -8.62
CA HIS B 308 10.49 24.19 -7.50
C HIS B 308 9.47 23.59 -6.53
N PRO B 309 9.83 22.54 -5.80
CA PRO B 309 8.91 21.98 -4.81
C PRO B 309 8.71 22.95 -3.66
N PRO B 310 7.46 23.26 -3.30
CA PRO B 310 7.24 24.16 -2.16
C PRO B 310 7.91 23.68 -0.87
N PHE B 311 7.96 22.36 -0.66
CA PHE B 311 8.69 21.77 0.45
C PHE B 311 9.92 21.04 -0.08
N PRO B 312 11.09 21.66 -0.08
CA PRO B 312 12.30 20.90 -0.44
C PRO B 312 12.53 19.70 0.48
N HIS B 313 12.20 19.84 1.76
CA HIS B 313 12.19 18.73 2.71
C HIS B 313 10.81 18.71 3.38
N PRO B 314 10.14 17.55 3.42
CA PRO B 314 8.78 17.50 4.01
C PRO B 314 8.79 17.54 5.52
N THR B 315 7.94 16.73 6.15
CA THR B 315 7.86 16.71 7.60
C THR B 315 8.82 15.66 8.16
N TRP B 316 8.88 15.60 9.49
CA TRP B 316 9.89 14.82 10.17
C TRP B 316 9.47 13.35 10.30
N ARG B 317 10.46 12.47 10.23
CA ARG B 317 10.29 11.07 10.53
C ARG B 317 11.27 10.68 11.62
N PHE B 318 11.00 9.55 12.27
CA PHE B 318 11.78 9.11 13.40
C PHE B 318 11.98 7.61 13.32
N ALA B 319 13.24 7.18 13.42
CA ALA B 319 13.57 5.76 13.35
C ALA B 319 13.12 5.06 14.64
N THR B 320 12.24 4.08 14.50
CA THR B 320 11.81 3.27 15.64
C THR B 320 12.81 2.17 15.98
N GLU B 321 13.78 1.92 15.12
CA GLU B 321 14.81 0.92 15.35
C GLU B 321 16.09 1.39 14.67
N ASP B 322 17.13 0.55 14.74
CA ASP B 322 18.29 0.74 13.88
C ASP B 322 17.87 0.53 12.43
N ILE B 323 18.50 1.27 11.52
CA ILE B 323 18.12 1.23 10.11
C ILE B 323 19.37 1.31 9.24
N ASP B 324 19.53 0.35 8.34
CA ASP B 324 20.55 0.37 7.31
C ASP B 324 19.88 0.81 6.02
N LEU B 325 20.25 2.00 5.53
CA LEU B 325 19.63 2.53 4.31
C LEU B 325 20.50 2.25 3.09
N GLY B 326 21.57 3.01 2.92
CA GLY B 326 22.49 2.78 1.82
C GLY B 326 23.87 2.43 2.31
N GLY B 327 23.96 1.41 3.16
CA GLY B 327 25.18 1.12 3.88
C GLY B 327 25.43 2.02 5.06
N TYR B 328 24.68 3.12 5.19
CA TYR B 328 24.81 4.05 6.29
C TYR B 328 23.75 3.75 7.35
N LEU B 329 24.16 3.82 8.61
CA LEU B 329 23.28 3.49 9.73
C LEU B 329 22.60 4.74 10.26
N ILE B 330 21.29 4.66 10.45
CA ILE B 330 20.49 5.68 11.10
C ILE B 330 20.09 5.16 12.48
N PRO B 331 20.61 5.72 13.56
CA PRO B 331 20.33 5.16 14.89
C PRO B 331 18.87 5.36 15.30
N GLU B 332 18.45 4.55 16.27
CA GLU B 332 17.08 4.61 16.75
C GLU B 332 16.79 5.97 17.38
N GLY B 333 15.56 6.46 17.17
CA GLY B 333 15.15 7.75 17.68
C GLY B 333 15.71 8.94 16.94
N ALA B 334 16.48 8.72 15.89
CA ALA B 334 17.09 9.82 15.15
C ALA B 334 16.02 10.57 14.34
N PRO B 335 16.07 11.89 14.32
CA PRO B 335 15.18 12.63 13.41
C PRO B 335 15.64 12.48 11.97
N VAL B 336 14.69 12.25 11.08
CA VAL B 336 14.99 11.91 9.69
C VAL B 336 14.18 12.82 8.76
N GLN B 337 14.86 13.42 7.79
CA GLN B 337 14.23 14.14 6.69
C GLN B 337 14.66 13.51 5.38
N VAL B 338 14.03 13.92 4.29
CA VAL B 338 14.37 13.42 2.97
C VAL B 338 14.47 14.60 2.01
N ASN B 339 15.44 14.53 1.11
CA ASN B 339 15.70 15.63 0.17
C ASN B 339 14.84 15.41 -1.08
N LEU B 340 13.68 16.05 -1.10
CA LEU B 340 12.80 15.93 -2.27
C LEU B 340 13.36 16.68 -3.47
N ALA B 341 14.05 17.80 -3.23
CA ALA B 341 14.67 18.53 -4.33
C ALA B 341 15.71 17.67 -5.04
N ALA B 342 16.50 16.92 -4.28
CA ALA B 342 17.50 16.04 -4.90
C ALA B 342 16.86 14.83 -5.56
N ALA B 343 15.84 14.24 -4.92
CA ALA B 343 15.20 13.05 -5.47
C ALA B 343 14.42 13.36 -6.74
N ASN B 344 13.96 14.61 -6.90
CA ASN B 344 13.22 14.99 -8.09
C ASN B 344 14.10 15.11 -9.33
N ARG B 345 15.42 15.17 -9.17
CA ARG B 345 16.33 15.47 -10.26
C ARG B 345 17.16 14.25 -10.61
N GLY B 346 17.55 14.17 -11.89
CA GLY B 346 18.53 13.21 -12.32
C GLY B 346 19.93 13.63 -11.93
N PRO B 347 20.90 12.77 -12.21
CA PRO B 347 22.27 13.05 -11.76
C PRO B 347 22.91 14.27 -12.43
N GLU B 348 22.43 14.69 -13.60
CA GLU B 348 23.07 15.73 -14.38
C GLU B 348 22.30 17.06 -14.35
N GLU B 349 21.45 17.26 -13.35
CA GLU B 349 20.62 18.46 -13.27
C GLU B 349 21.00 19.30 -12.04
N GLY B 350 20.88 20.62 -12.20
CA GLY B 350 21.20 21.55 -11.15
C GLY B 350 19.96 22.20 -10.54
N PRO B 351 20.12 23.41 -10.01
CA PRO B 351 18.98 24.08 -9.34
C PRO B 351 17.87 24.51 -10.28
N ASP B 352 18.21 25.23 -11.36
CA ASP B 352 17.23 25.67 -12.37
C ASP B 352 17.36 24.66 -13.51
N CYS B 353 16.48 23.68 -13.53
CA CYS B 353 16.51 22.61 -14.53
C CYS B 353 15.12 22.37 -15.10
N PHE B 354 14.36 23.43 -15.33
CA PHE B 354 13.00 23.29 -15.86
C PHE B 354 13.07 22.83 -17.31
N THR B 355 12.68 21.58 -17.55
CA THR B 355 12.65 21.01 -18.90
C THR B 355 11.21 20.73 -19.29
N PRO B 356 10.62 21.48 -20.22
CA PRO B 356 9.25 21.18 -20.65
C PRO B 356 9.09 19.75 -21.16
N GLU B 357 10.12 19.20 -21.80
CA GLU B 357 10.02 17.83 -22.32
C GLU B 357 9.92 16.81 -21.20
N ARG B 358 10.49 17.11 -20.03
CA ARG B 358 10.43 16.15 -18.92
C ARG B 358 9.03 16.07 -18.33
N GLN B 359 8.31 17.21 -18.27
CA GLN B 359 6.93 17.26 -17.81
C GLN B 359 6.77 16.78 -16.36
N GLY B 360 7.82 16.92 -15.56
CA GLY B 360 7.74 16.61 -14.15
C GLY B 360 7.73 15.14 -13.80
N ARG B 361 8.06 14.25 -14.74
CA ARG B 361 8.03 12.83 -14.44
C ARG B 361 9.07 12.48 -13.38
N GLY B 362 8.64 11.68 -12.40
CA GLY B 362 9.54 11.17 -11.40
C GLY B 362 9.79 12.09 -10.22
N HIS B 363 8.87 12.98 -9.90
CA HIS B 363 9.03 13.85 -8.76
C HIS B 363 8.26 13.31 -7.55
N LEU B 364 8.71 13.73 -6.37
CA LEU B 364 8.11 13.31 -5.10
C LEU B 364 7.64 14.52 -4.30
N SER B 365 7.15 15.56 -4.98
CA SER B 365 6.83 16.81 -4.31
C SER B 365 5.59 16.70 -3.42
N PHE B 366 4.70 15.74 -3.67
CA PHE B 366 3.56 15.50 -2.82
C PHE B 366 3.81 14.38 -1.83
N GLY B 367 5.04 13.90 -1.73
CA GLY B 367 5.32 12.77 -0.88
C GLY B 367 5.06 11.46 -1.62
N LEU B 368 4.92 10.40 -0.82
CA LEU B 368 4.72 9.06 -1.37
C LEU B 368 4.25 8.10 -0.28
N GLY B 369 3.21 7.33 -0.56
CA GLY B 369 2.79 6.26 0.33
C GLY B 369 1.71 6.72 1.30
N MET B 370 1.79 6.27 2.55
CA MET B 370 0.74 6.55 3.55
C MET B 370 0.42 8.04 3.66
N HIS B 371 1.46 8.89 3.75
CA HIS B 371 1.22 10.31 3.99
C HIS B 371 1.26 11.13 2.71
N TYR B 372 1.03 10.51 1.55
CA TYR B 372 0.91 11.26 0.31
C TYR B 372 -0.18 12.32 0.46
N CYS B 373 0.13 13.51 -0.04
CA CYS B 373 -0.69 14.70 0.22
C CYS B 373 -2.14 14.47 -0.15
N ILE B 374 -3.02 14.63 0.84
CA ILE B 374 -4.47 14.53 0.63
C ILE B 374 -5.00 15.65 -0.27
N GLY B 375 -4.26 16.74 -0.39
CA GLY B 375 -4.72 17.88 -1.16
C GLY B 375 -4.02 18.01 -2.50
N ALA B 376 -3.42 16.91 -2.97
CA ALA B 376 -2.65 16.96 -4.21
C ALA B 376 -3.54 17.23 -5.41
N SER B 377 -4.71 16.59 -5.47
CA SER B 377 -5.63 16.85 -6.57
C SER B 377 -6.12 18.29 -6.55
N LEU B 378 -6.33 18.83 -5.35
CA LEU B 378 -6.78 20.21 -5.22
C LEU B 378 -5.71 21.18 -5.70
N ALA B 379 -4.48 21.02 -5.20
CA ALA B 379 -3.40 21.94 -5.57
C ALA B 379 -3.10 21.88 -7.07
N ARG B 380 -3.23 20.69 -7.66
CA ARG B 380 -3.00 20.56 -9.10
C ARG B 380 -4.04 21.33 -9.90
N LEU B 381 -5.30 21.25 -9.49
CA LEU B 381 -6.37 21.89 -10.24
C LEU B 381 -6.29 23.41 -10.11
N GLU B 382 -5.93 23.90 -8.92
CA GLU B 382 -5.77 25.34 -8.73
C GLU B 382 -4.63 25.87 -9.60
N ALA B 383 -3.50 25.17 -9.61
CA ALA B 383 -2.34 25.63 -10.39
C ALA B 383 -2.62 25.58 -11.89
N GLN B 384 -3.33 24.54 -12.35
CA GLN B 384 -3.64 24.42 -13.77
C GLN B 384 -4.57 25.52 -14.24
N ILE B 385 -5.60 25.84 -13.45
CA ILE B 385 -6.59 26.83 -13.87
C ILE B 385 -6.02 28.24 -13.76
N ALA B 386 -5.25 28.51 -12.70
CA ALA B 386 -4.66 29.84 -12.53
C ALA B 386 -3.63 30.13 -13.61
N LEU B 387 -2.85 29.12 -14.00
CA LEU B 387 -1.85 29.32 -15.05
C LEU B 387 -2.50 29.59 -16.39
N ARG B 388 -3.47 28.75 -16.79
CA ARG B 388 -4.16 28.95 -18.06
C ARG B 388 -4.94 30.26 -18.07
N GLY B 389 -5.47 30.66 -16.91
CA GLY B 389 -6.18 31.93 -16.84
C GLY B 389 -5.27 33.12 -17.13
N PHE B 390 -4.05 33.09 -16.61
CA PHE B 390 -3.14 34.22 -16.81
C PHE B 390 -2.57 34.22 -18.22
N LEU B 391 -2.14 33.05 -18.72
CA LEU B 391 -1.47 33.00 -20.01
C LEU B 391 -2.40 33.36 -21.15
N ARG B 392 -3.69 33.09 -21.01
CA ARG B 392 -4.67 33.49 -22.02
C ARG B 392 -5.14 34.93 -21.84
N ARG B 393 -5.23 35.40 -20.60
CA ARG B 393 -5.65 36.77 -20.36
C ARG B 393 -4.58 37.77 -20.82
N PHE B 394 -3.31 37.41 -20.68
CA PHE B 394 -2.20 38.30 -21.04
C PHE B 394 -1.19 37.51 -21.84
N PRO B 395 -1.43 37.32 -23.14
CA PRO B 395 -0.54 36.47 -23.95
C PRO B 395 0.83 37.08 -24.19
N GLU B 396 0.99 38.39 -24.01
CA GLU B 396 2.26 39.05 -24.29
C GLU B 396 2.93 39.56 -23.03
N ALA B 397 2.71 38.87 -21.90
CA ALA B 397 3.37 39.26 -20.67
C ALA B 397 4.85 38.92 -20.72
N ARG B 398 5.67 39.75 -20.05
CA ARG B 398 7.10 39.56 -19.96
C ARG B 398 7.56 39.88 -18.54
N LEU B 399 8.75 39.40 -18.19
CA LEU B 399 9.26 39.54 -16.82
C LEU B 399 9.99 40.87 -16.61
N SER B 400 10.71 41.37 -17.61
CA SER B 400 11.53 42.58 -17.48
C SER B 400 12.62 42.43 -16.43
N GLY B 412 14.97 42.23 -8.95
CA GLY B 412 14.25 41.33 -9.84
C GLY B 412 13.42 40.30 -9.10
N VAL B 413 13.56 39.03 -9.49
CA VAL B 413 12.83 37.95 -8.84
C VAL B 413 13.45 37.67 -7.48
N GLU B 414 12.62 37.75 -6.44
CA GLU B 414 13.08 37.59 -5.06
C GLU B 414 12.45 36.36 -4.43
N TRP B 415 13.26 35.59 -3.72
CA TRP B 415 12.83 34.37 -3.06
C TRP B 415 12.94 34.53 -1.54
N GLU B 416 12.09 33.78 -0.83
CA GLU B 416 12.18 33.63 0.61
C GLU B 416 12.11 32.14 0.90
N SER B 417 13.20 31.58 1.42
CA SER B 417 13.30 30.13 1.47
C SER B 417 14.15 29.69 2.65
N GLU B 418 14.01 28.41 2.98
CA GLU B 418 14.88 27.68 3.89
C GLU B 418 14.95 26.25 3.39
N TRP B 419 15.60 25.38 4.16
CA TRP B 419 15.73 23.99 3.71
C TRP B 419 14.41 23.24 3.72
N MET B 420 13.40 23.73 4.44
CA MET B 420 12.11 23.05 4.53
C MET B 420 10.96 23.80 3.87
N ILE B 421 11.16 25.06 3.45
CA ILE B 421 10.14 25.81 2.74
C ILE B 421 10.82 26.81 1.81
N ARG B 422 10.14 27.14 0.72
CA ARG B 422 10.74 27.95 -0.35
C ARG B 422 9.62 28.53 -1.20
N ARG B 423 9.59 29.87 -1.31
CA ARG B 423 8.56 30.53 -2.09
C ARG B 423 9.14 31.74 -2.80
N MET B 424 8.42 32.20 -3.82
CA MET B 424 8.75 33.45 -4.49
C MET B 424 8.03 34.59 -3.80
N ILE B 425 8.78 35.66 -3.50
CA ILE B 425 8.21 36.83 -2.86
C ILE B 425 7.77 37.87 -3.88
N VAL B 426 8.61 38.14 -4.88
CA VAL B 426 8.30 39.09 -5.95
C VAL B 426 8.49 38.40 -7.29
N LEU B 427 7.47 38.48 -8.15
CA LEU B 427 7.53 38.06 -9.55
C LEU B 427 7.12 39.27 -10.38
N PRO B 428 8.06 40.18 -10.66
CA PRO B 428 7.71 41.39 -11.42
C PRO B 428 7.50 41.07 -12.89
N ALA B 429 6.43 41.62 -13.44
CA ALA B 429 6.06 41.31 -14.82
C ALA B 429 5.44 42.53 -15.48
N GLU B 430 5.78 42.73 -16.75
CA GLU B 430 5.08 43.67 -17.61
C GLU B 430 3.88 42.94 -18.20
N VAL B 431 2.69 43.32 -17.76
CA VAL B 431 1.50 42.50 -17.95
C VAL B 431 1.03 42.56 -19.40
N GLY B 432 0.94 43.76 -19.97
CA GLY B 432 0.55 43.92 -21.36
C GLY B 432 -0.93 44.22 -21.54
N LEU B 433 -1.38 44.06 -22.78
CA LEU B 433 -2.77 44.29 -23.13
C LEU B 433 -3.59 43.03 -22.91
N GLU B 434 -4.81 43.20 -22.40
CA GLU B 434 -5.70 42.09 -22.16
C GLU B 434 -6.20 41.50 -23.48
N ALA C 26 47.87 1.40 -13.45
CA ALA C 26 48.38 0.43 -14.42
C ALA C 26 47.39 0.24 -15.56
N GLU C 27 47.91 0.17 -16.79
CA GLU C 27 47.09 -0.01 -17.97
C GLU C 27 46.67 -1.47 -18.12
N ALA C 28 45.50 -1.67 -18.71
CA ALA C 28 44.98 -3.02 -18.88
C ALA C 28 45.53 -3.66 -20.15
N PRO C 29 45.99 -4.91 -20.09
CA PRO C 29 46.52 -5.56 -21.30
C PRO C 29 45.40 -5.97 -22.25
N GLU C 30 45.80 -6.44 -23.42
CA GLU C 30 44.88 -6.76 -24.50
C GLU C 30 44.77 -8.27 -24.69
N ALA C 31 43.55 -8.73 -24.95
CA ALA C 31 43.29 -10.11 -25.35
C ALA C 31 42.32 -10.08 -26.53
N HIS C 32 41.74 -11.23 -26.87
CA HIS C 32 40.89 -11.33 -28.04
C HIS C 32 39.71 -12.25 -27.77
N MET C 33 38.51 -11.74 -28.08
CA MET C 33 37.27 -12.48 -28.03
C MET C 33 36.54 -12.32 -29.36
N PRO C 34 35.79 -13.33 -29.77
CA PRO C 34 34.95 -13.18 -30.97
C PRO C 34 33.76 -12.26 -30.72
N THR C 35 33.80 -11.07 -31.30
CA THR C 35 32.77 -10.06 -31.08
C THR C 35 31.64 -10.12 -32.09
N ASP C 36 31.80 -10.84 -33.19
CA ASP C 36 30.75 -10.98 -34.19
C ASP C 36 30.13 -12.36 -34.09
N PRO C 37 28.80 -12.46 -34.08
CA PRO C 37 28.16 -13.75 -33.83
C PRO C 37 28.38 -14.72 -34.98
N GLY C 38 28.04 -15.98 -34.72
CA GLY C 38 28.17 -17.02 -35.70
C GLY C 38 27.91 -18.39 -35.09
N PRO C 39 27.88 -19.42 -35.93
CA PRO C 39 27.56 -20.79 -35.48
C PRO C 39 28.75 -21.49 -34.84
N PHE C 40 29.19 -20.97 -33.70
CA PHE C 40 30.26 -21.58 -32.92
C PHE C 40 29.97 -21.38 -31.44
N ASP C 41 30.66 -22.15 -30.61
CA ASP C 41 30.63 -21.96 -29.17
C ASP C 41 31.93 -21.26 -28.79
N CYS C 42 31.83 -20.03 -28.34
CA CYS C 42 33.01 -19.26 -28.02
C CYS C 42 33.52 -19.46 -26.60
N MET C 43 32.75 -20.14 -25.75
CA MET C 43 33.07 -20.25 -24.32
C MET C 43 34.55 -20.44 -23.98
N PRO C 44 35.33 -21.28 -24.66
CA PRO C 44 36.78 -21.33 -24.35
C PRO C 44 37.49 -20.03 -24.63
N GLU C 45 37.06 -19.30 -25.65
CA GLU C 45 37.75 -18.06 -26.00
C GLU C 45 37.43 -16.93 -25.01
N LEU C 46 36.27 -16.96 -24.35
CA LEU C 46 36.01 -15.92 -23.35
C LEU C 46 36.73 -16.24 -22.05
N LEU C 47 36.86 -17.52 -21.72
CA LEU C 47 37.58 -17.89 -20.51
C LEU C 47 39.10 -17.77 -20.70
N ALA C 48 39.59 -18.02 -21.91
CA ALA C 48 41.01 -17.83 -22.16
C ALA C 48 41.40 -16.36 -22.05
N ALA C 49 40.54 -15.46 -22.53
CA ALA C 49 40.81 -14.04 -22.37
C ALA C 49 40.71 -13.62 -20.91
N ALA C 50 39.95 -14.35 -20.09
CA ALA C 50 39.86 -14.07 -18.66
C ALA C 50 41.08 -14.55 -17.89
N ARG C 51 41.90 -15.43 -18.47
CA ARG C 51 43.13 -15.86 -17.83
C ARG C 51 44.27 -14.87 -18.03
N VAL C 52 44.09 -13.87 -18.89
CA VAL C 52 45.15 -12.90 -19.14
C VAL C 52 45.37 -12.03 -17.91
N ALA C 53 44.34 -11.34 -17.46
CA ALA C 53 44.44 -10.40 -16.35
C ALA C 53 43.05 -10.17 -15.79
N PRO C 54 42.95 -9.65 -14.56
CA PRO C 54 41.61 -9.30 -14.03
C PRO C 54 40.87 -8.25 -14.85
N VAL C 55 41.60 -7.41 -15.58
CA VAL C 55 41.02 -6.38 -16.45
C VAL C 55 41.70 -6.48 -17.81
N VAL C 56 40.90 -6.44 -18.87
CA VAL C 56 41.38 -6.66 -20.23
C VAL C 56 40.72 -5.66 -21.18
N ARG C 57 41.40 -5.36 -22.29
CA ARG C 57 40.89 -4.47 -23.33
C ARG C 57 40.92 -5.20 -24.67
N ILE C 58 39.74 -5.40 -25.25
CA ILE C 58 39.63 -6.16 -26.50
C ILE C 58 39.28 -5.22 -27.66
N PRO C 59 39.77 -5.50 -28.87
CA PRO C 59 39.36 -4.68 -30.02
C PRO C 59 37.93 -4.99 -30.43
N TYR C 60 37.19 -3.94 -30.78
CA TYR C 60 35.77 -4.07 -31.10
C TYR C 60 35.32 -2.79 -31.77
N LEU C 61 34.81 -2.91 -33.00
CA LEU C 61 34.28 -1.79 -33.77
C LEU C 61 35.34 -0.73 -34.05
N GLY C 62 36.57 -1.18 -34.26
CA GLY C 62 37.67 -0.30 -34.64
C GLY C 62 38.53 0.19 -33.49
N ARG C 63 37.96 0.25 -32.29
CA ARG C 63 38.73 0.72 -31.13
C ARG C 63 38.75 -0.37 -30.06
N HIS C 64 38.79 0.02 -28.78
CA HIS C 64 38.92 -0.93 -27.69
C HIS C 64 37.85 -0.71 -26.64
N ALA C 65 37.49 -1.79 -25.95
CA ALA C 65 36.53 -1.77 -24.87
C ALA C 65 37.11 -2.50 -23.67
N TRP C 66 36.95 -1.92 -22.48
CA TRP C 66 37.46 -2.51 -21.26
C TRP C 66 36.53 -3.61 -20.76
N VAL C 67 37.11 -4.73 -20.30
CA VAL C 67 36.36 -5.88 -19.83
C VAL C 67 36.93 -6.34 -18.49
N VAL C 68 36.05 -6.57 -17.52
CA VAL C 68 36.43 -7.10 -16.21
C VAL C 68 36.26 -8.61 -16.22
N CYS C 69 37.21 -9.31 -15.62
CA CYS C 69 37.20 -10.77 -15.69
C CYS C 69 37.25 -11.44 -14.33
N ASP C 70 38.03 -10.90 -13.38
CA ASP C 70 38.12 -11.52 -12.07
C ASP C 70 36.76 -11.48 -11.39
N PRO C 71 36.28 -12.60 -10.85
CA PRO C 71 34.90 -12.63 -10.29
C PRO C 71 34.67 -11.58 -9.22
N GLU C 72 35.58 -11.44 -8.25
CA GLU C 72 35.40 -10.46 -7.19
C GLU C 72 35.42 -9.02 -7.70
N LEU C 73 36.05 -8.77 -8.86
CA LEU C 73 35.99 -7.46 -9.46
C LEU C 73 34.73 -7.26 -10.28
N VAL C 74 34.19 -8.32 -10.89
CA VAL C 74 32.95 -8.21 -11.64
C VAL C 74 31.79 -7.80 -10.73
N ARG C 75 31.81 -8.28 -9.48
CA ARG C 75 30.71 -8.01 -8.57
C ARG C 75 30.69 -6.54 -8.11
N THR C 76 31.86 -5.99 -7.81
CA THR C 76 31.94 -4.57 -7.49
C THR C 76 31.71 -3.69 -8.72
N ALA C 77 31.89 -4.25 -9.92
CA ALA C 77 31.69 -3.47 -11.14
C ALA C 77 30.20 -3.25 -11.43
N LEU C 78 29.38 -4.27 -11.17
CA LEU C 78 27.95 -4.15 -11.41
C LEU C 78 27.26 -3.17 -10.46
N THR C 79 27.93 -2.76 -9.38
CA THR C 79 27.37 -1.83 -8.41
C THR C 79 28.15 -0.54 -8.27
N HIS C 80 29.19 -0.33 -9.09
CA HIS C 80 30.03 0.85 -8.95
C HIS C 80 29.23 2.11 -9.22
N PRO C 81 29.29 3.11 -8.34
CA PRO C 81 28.47 4.32 -8.55
C PRO C 81 28.89 5.10 -9.79
N LEU C 82 30.18 5.15 -10.08
CA LEU C 82 30.69 5.88 -11.23
C LEU C 82 30.68 5.04 -12.50
N LEU C 83 29.96 3.91 -12.49
CA LEU C 83 29.61 3.17 -13.70
C LEU C 83 28.18 3.52 -14.05
N ALA C 84 28.00 4.32 -15.10
CA ALA C 84 26.69 4.76 -15.53
C ALA C 84 26.33 4.15 -16.88
N LYS C 85 25.04 4.16 -17.18
CA LYS C 85 24.52 3.42 -18.31
C LYS C 85 23.69 4.26 -19.27
N ASP C 86 23.64 5.58 -19.09
CA ASP C 86 22.79 6.40 -19.94
C ASP C 86 23.35 6.49 -21.35
N VAL C 87 22.42 6.62 -22.31
CA VAL C 87 22.79 6.66 -23.72
C VAL C 87 23.62 7.90 -24.06
N THR C 88 23.59 8.93 -23.21
CA THR C 88 24.33 10.14 -23.51
C THR C 88 25.83 9.96 -23.31
N LEU C 89 26.25 8.92 -22.61
CA LEU C 89 27.67 8.66 -22.39
C LEU C 89 28.26 7.69 -23.41
N VAL C 90 27.45 7.19 -24.33
CA VAL C 90 27.92 6.35 -25.42
C VAL C 90 28.71 7.21 -26.41
N PRO C 91 30.00 6.95 -26.61
CA PRO C 91 30.71 7.64 -27.69
C PRO C 91 30.14 7.29 -29.06
N ASP C 92 30.50 8.11 -30.04
CA ASP C 92 29.84 8.06 -31.35
C ASP C 92 30.27 6.84 -32.16
N TRP C 93 31.51 6.37 -31.95
CA TRP C 93 32.00 5.25 -32.76
C TRP C 93 31.30 3.94 -32.44
N MET C 94 30.51 3.88 -31.36
CA MET C 94 29.73 2.68 -31.05
C MET C 94 28.25 2.83 -31.37
N ARG C 95 27.80 4.02 -31.77
CA ARG C 95 26.41 4.27 -32.14
C ARG C 95 26.06 3.73 -33.53
N LYS C 96 26.51 2.53 -33.87
CA LYS C 96 26.22 2.19 -35.26
C LYS C 96 24.87 1.48 -35.38
N PRO C 97 24.17 1.73 -36.50
CA PRO C 97 22.84 1.16 -36.68
C PRO C 97 22.86 -0.36 -36.65
N GLY C 98 21.82 -0.94 -36.06
CA GLY C 98 21.73 -2.36 -35.85
C GLY C 98 22.16 -2.81 -34.46
N LEU C 99 23.04 -2.06 -33.80
CA LEU C 99 23.49 -2.39 -32.46
C LEU C 99 22.60 -1.73 -31.41
N MET C 100 22.60 -2.22 -30.18
CA MET C 100 21.76 -1.60 -29.10
C MET C 100 22.11 -0.13 -28.94
N LEU C 101 23.39 0.18 -28.75
CA LEU C 101 23.73 1.56 -28.46
C LEU C 101 23.45 2.48 -29.64
N GLY C 102 23.29 1.92 -30.85
CA GLY C 102 22.87 2.68 -32.01
C GLY C 102 21.39 2.57 -32.32
N SER C 103 20.58 1.99 -31.42
CA SER C 103 19.15 1.77 -31.66
C SER C 103 18.29 2.49 -30.63
N GLN C 104 18.85 3.45 -29.91
CA GLN C 104 18.09 4.06 -28.83
C GLN C 104 17.54 5.42 -29.25
N PRO C 105 16.30 5.72 -28.86
CA PRO C 105 15.72 7.02 -29.19
C PRO C 105 16.32 8.17 -28.38
N ASP C 106 15.74 9.36 -28.54
CA ASP C 106 16.14 10.50 -27.74
C ASP C 106 16.07 10.15 -26.26
N PRO C 107 17.13 10.42 -25.47
CA PRO C 107 17.00 10.22 -24.03
C PRO C 107 15.86 11.02 -23.42
N GLU C 108 15.67 12.26 -23.84
CA GLU C 108 14.42 12.94 -23.56
C GLU C 108 13.28 12.25 -24.31
N PHE C 109 12.07 12.40 -23.78
CA PHE C 109 10.86 11.75 -24.26
C PHE C 109 10.78 10.28 -23.82
N ALA C 110 11.87 9.52 -23.97
CA ALA C 110 11.81 8.10 -23.61
C ALA C 110 13.20 7.51 -23.43
N ARG C 111 13.41 6.82 -22.31
CA ARG C 111 14.59 6.01 -22.05
C ARG C 111 14.17 4.57 -21.81
N THR C 112 15.08 3.64 -22.10
CA THR C 112 14.87 2.24 -21.74
C THR C 112 15.49 1.98 -20.37
N MET C 113 14.96 0.96 -19.69
CA MET C 113 15.28 0.78 -18.28
C MET C 113 16.76 0.47 -18.06
N ILE C 114 17.32 -0.43 -18.88
CA ILE C 114 18.69 -0.87 -18.70
C ILE C 114 19.71 0.22 -18.99
N MET C 115 19.29 1.35 -19.58
CA MET C 115 20.18 2.46 -19.86
C MET C 115 19.64 3.76 -19.27
N SER C 116 19.24 3.70 -18.00
CA SER C 116 18.84 4.87 -17.24
C SER C 116 19.47 4.80 -15.87
N ASP C 117 19.83 5.96 -15.33
CA ASP C 117 20.56 6.04 -14.08
C ASP C 117 19.75 6.84 -13.04
N GLY C 118 20.02 6.56 -11.77
CA GLY C 118 19.51 7.38 -10.70
C GLY C 118 17.99 7.42 -10.66
N ALA C 119 17.46 8.62 -10.51
CA ALA C 119 16.02 8.80 -10.37
C ALA C 119 15.27 8.36 -11.62
N HIS C 120 15.91 8.47 -12.79
CA HIS C 120 15.28 8.00 -14.02
C HIS C 120 15.04 6.51 -13.99
N HIS C 121 16.02 5.74 -13.53
CA HIS C 121 15.83 4.30 -13.41
C HIS C 121 14.84 3.95 -12.30
N ALA C 122 14.81 4.74 -11.23
CA ALA C 122 13.90 4.44 -10.13
C ALA C 122 12.44 4.51 -10.58
N ARG C 123 12.10 5.51 -11.40
CA ARG C 123 10.72 5.64 -11.87
C ARG C 123 10.39 4.57 -12.91
N ILE C 124 11.30 4.31 -13.85
CA ILE C 124 11.02 3.31 -14.88
C ILE C 124 10.85 1.94 -14.27
N ARG C 125 11.71 1.59 -13.30
CA ARG C 125 11.63 0.26 -12.69
C ARG C 125 10.35 0.12 -11.86
N ARG C 126 10.01 1.15 -11.09
CA ARG C 126 8.81 1.07 -10.25
C ARG C 126 7.54 1.01 -11.09
N LEU C 127 7.51 1.73 -12.22
CA LEU C 127 6.35 1.70 -13.09
C LEU C 127 6.15 0.32 -13.70
N HIS C 128 7.24 -0.39 -14.00
CA HIS C 128 7.13 -1.75 -14.50
C HIS C 128 6.58 -2.69 -13.43
N ALA C 129 7.05 -2.53 -12.19
CA ALA C 129 6.60 -3.38 -11.10
C ALA C 129 5.18 -3.06 -10.64
N SER C 130 4.58 -1.97 -11.12
CA SER C 130 3.27 -1.54 -10.67
C SER C 130 2.12 -2.21 -11.43
N ILE C 131 2.42 -3.11 -12.37
CA ILE C 131 1.40 -3.93 -13.00
C ILE C 131 1.91 -5.36 -13.17
N ARG C 135 1.18 -10.12 -6.77
CA ARG C 135 -0.01 -10.25 -7.65
C ARG C 135 -0.51 -11.69 -7.57
N ASN C 136 -1.82 -11.88 -7.69
CA ASN C 136 -2.42 -13.23 -7.59
C ASN C 136 -1.62 -14.21 -8.47
N GLU C 138 2.21 -15.35 -9.81
CA GLU C 138 1.74 -16.41 -8.88
C GLU C 138 0.57 -17.13 -9.54
N ARG C 139 -0.16 -16.44 -10.42
CA ARG C 139 -1.23 -17.10 -11.20
C ARG C 139 -0.61 -17.58 -12.50
N TRP C 140 0.69 -17.38 -12.65
CA TRP C 140 1.35 -17.68 -13.94
C TRP C 140 1.76 -19.16 -14.03
N GLY C 141 2.10 -19.81 -12.92
CA GLY C 141 2.46 -21.22 -13.01
C GLY C 141 1.41 -22.06 -13.69
N GLU C 142 0.13 -21.77 -13.42
CA GLU C 142 -0.95 -22.54 -14.03
C GLU C 142 -1.12 -22.19 -15.51
N ARG C 143 -0.64 -21.04 -15.96
CA ARG C 143 -0.70 -20.71 -17.38
C ARG C 143 0.49 -21.22 -18.15
N VAL C 144 1.61 -21.32 -17.49
CA VAL C 144 2.79 -21.74 -18.18
C VAL C 144 2.71 -23.23 -18.31
N GLU C 145 2.09 -23.87 -17.36
CA GLU C 145 1.98 -25.31 -17.39
C GLU C 145 1.04 -25.72 -18.48
N ALA C 146 0.05 -24.90 -18.70
CA ALA C 146 -0.89 -25.20 -19.70
C ALA C 146 -0.19 -25.19 -21.03
N LYS C 147 0.58 -24.14 -21.30
CA LYS C 147 1.22 -24.02 -22.59
C LYS C 147 2.24 -25.08 -22.82
N VAL C 148 2.93 -25.45 -21.79
CA VAL C 148 3.96 -26.46 -21.91
C VAL C 148 3.32 -27.77 -22.29
N GLY C 149 2.18 -28.06 -21.70
CA GLY C 149 1.53 -29.29 -21.94
C GLY C 149 1.14 -29.39 -23.38
N GLY C 150 0.58 -28.32 -23.91
CA GLY C 150 0.17 -28.31 -25.29
C GLY C 150 1.30 -28.49 -26.26
N PHE C 151 2.44 -27.94 -25.95
CA PHE C 151 3.53 -28.04 -26.86
C PHE C 151 4.13 -29.41 -26.77
N LEU C 152 4.00 -30.06 -25.61
CA LEU C 152 4.51 -31.42 -25.43
C LEU C 152 3.67 -32.37 -26.25
N ASP C 153 2.37 -32.13 -26.30
CA ASP C 153 1.51 -32.95 -27.11
C ASP C 153 1.84 -32.72 -28.56
N GLU C 154 2.00 -31.46 -28.94
CA GLU C 154 2.31 -31.11 -30.30
C GLU C 154 3.64 -31.63 -30.69
N LEU C 155 4.53 -31.80 -29.74
CA LEU C 155 5.78 -32.40 -30.05
C LEU C 155 5.49 -33.84 -30.39
N GLU C 156 4.85 -34.56 -29.49
CA GLU C 156 4.57 -35.97 -29.69
C GLU C 156 3.91 -36.27 -31.01
N ALA C 157 2.99 -35.43 -31.45
CA ALA C 157 2.25 -35.67 -32.67
C ALA C 157 3.08 -36.22 -33.80
N SER C 158 4.26 -35.67 -34.00
CA SER C 158 5.16 -36.19 -35.00
C SER C 158 5.77 -37.51 -34.50
N ALA C 164 14.03 -40.66 -36.36
CA ALA C 164 13.21 -40.44 -35.18
C ALA C 164 13.82 -39.35 -34.30
N GLU C 165 14.71 -38.54 -34.89
CA GLU C 165 15.41 -37.49 -34.16
C GLU C 165 14.63 -36.18 -34.23
N VAL C 166 14.60 -35.46 -33.12
CA VAL C 166 13.82 -34.24 -32.97
C VAL C 166 14.72 -33.12 -32.47
N ASN C 167 14.48 -31.91 -32.97
CA ASN C 167 15.14 -30.72 -32.47
C ASN C 167 14.27 -30.11 -31.38
N VAL C 168 14.60 -30.40 -30.11
CA VAL C 168 13.83 -29.88 -29.00
C VAL C 168 13.99 -28.37 -28.85
N VAL C 169 15.03 -27.79 -29.45
CA VAL C 169 15.13 -26.33 -29.49
C VAL C 169 14.01 -25.74 -30.34
N THR C 170 13.85 -26.27 -31.55
CA THR C 170 12.84 -25.74 -32.47
C THR C 170 11.43 -26.12 -32.03
N ALA C 171 11.25 -27.36 -31.59
CA ALA C 171 9.92 -27.89 -31.32
C ALA C 171 9.42 -27.63 -29.89
N TYR C 172 10.22 -27.00 -29.04
CA TYR C 172 9.85 -26.91 -27.63
C TYR C 172 10.35 -25.64 -26.95
N THR C 173 11.66 -25.58 -26.67
CA THR C 173 12.22 -24.50 -25.87
C THR C 173 12.04 -23.14 -26.52
N HIS C 174 11.92 -23.09 -27.85
CA HIS C 174 11.73 -21.82 -28.52
C HIS C 174 10.28 -21.32 -28.41
N ARG C 175 9.33 -22.24 -28.26
CA ARG C 175 7.92 -21.89 -28.34
C ARG C 175 7.33 -21.49 -27.00
N ILE C 176 7.80 -22.07 -25.90
CA ILE C 176 7.20 -21.85 -24.59
C ILE C 176 7.34 -20.40 -24.15
N PRO C 177 8.55 -19.83 -24.07
CA PRO C 177 8.65 -18.45 -23.57
C PRO C 177 8.03 -17.44 -24.52
N LEU C 178 8.10 -17.66 -25.83
CA LEU C 178 7.51 -16.71 -26.76
C LEU C 178 5.99 -16.69 -26.65
N ALA C 179 5.37 -17.85 -26.39
CA ALA C 179 3.90 -17.89 -26.33
C ALA C 179 3.36 -17.20 -25.08
N PHE C 180 4.09 -17.25 -23.97
CA PHE C 180 3.58 -16.68 -22.72
C PHE C 180 3.74 -15.16 -22.70
N ILE C 181 4.94 -14.67 -23.04
CA ILE C 181 5.16 -13.23 -23.10
C ILE C 181 4.27 -12.58 -24.16
N SER C 182 3.85 -13.33 -25.18
CA SER C 182 2.90 -12.78 -26.15
C SER C 182 1.53 -12.62 -25.53
N GLU C 183 1.05 -13.64 -24.83
CA GLU C 183 -0.24 -13.53 -24.16
C GLU C 183 -0.20 -12.51 -23.03
N MET C 184 0.89 -12.51 -22.25
CA MET C 184 0.98 -11.57 -21.13
C MET C 184 1.02 -10.13 -21.63
N LEU C 185 1.74 -9.86 -22.72
CA LEU C 185 1.78 -8.52 -23.28
C LEU C 185 0.53 -8.16 -24.06
N GLY C 186 -0.24 -9.15 -24.52
CA GLY C 186 -1.41 -8.86 -25.31
C GLY C 186 -1.13 -8.63 -26.78
N LEU C 187 -0.03 -9.16 -27.29
CA LEU C 187 0.25 -9.05 -28.72
C LEU C 187 -0.71 -9.95 -29.51
N PRO C 188 -1.06 -9.56 -30.73
CA PRO C 188 -1.87 -10.43 -31.57
C PRO C 188 -1.15 -11.73 -31.88
N LEU C 189 -1.90 -12.83 -31.89
CA LEU C 189 -1.33 -14.11 -32.29
C LEU C 189 -0.90 -14.12 -33.75
N GLU C 190 -1.34 -13.14 -34.53
CA GLU C 190 -0.81 -12.92 -35.87
C GLU C 190 0.72 -12.84 -35.84
N ALA C 191 1.25 -12.02 -34.93
CA ALA C 191 2.66 -11.64 -34.95
C ALA C 191 3.58 -12.64 -34.27
N GLU C 192 3.05 -13.57 -33.48
CA GLU C 192 3.90 -14.47 -32.70
C GLU C 192 4.85 -15.26 -33.60
N ARG C 193 4.36 -15.74 -34.74
CA ARG C 193 5.21 -16.48 -35.67
C ARG C 193 6.31 -15.58 -36.22
N ARG C 194 5.94 -14.42 -36.77
CA ARG C 194 6.93 -13.53 -37.35
C ARG C 194 7.83 -12.88 -36.32
N LEU C 195 7.40 -12.81 -35.05
CA LEU C 195 8.23 -12.21 -34.00
C LEU C 195 9.54 -12.97 -33.83
N ARG C 196 9.48 -14.30 -33.90
CA ARG C 196 10.68 -15.10 -33.68
C ARG C 196 11.72 -14.84 -34.77
N SER C 197 11.28 -14.78 -36.04
CA SER C 197 12.23 -14.58 -37.13
C SER C 197 12.80 -13.17 -37.18
N ILE C 198 12.16 -12.21 -36.50
CA ILE C 198 12.67 -10.83 -36.48
C ILE C 198 13.73 -10.66 -35.40
N THR C 199 13.40 -11.03 -34.15
CA THR C 199 14.39 -10.91 -33.08
C THR C 199 15.57 -11.85 -33.30
N ASP C 200 15.39 -12.93 -34.05
CA ASP C 200 16.52 -13.78 -34.41
C ASP C 200 17.57 -13.00 -35.20
N VAL C 201 17.11 -12.13 -36.10
CA VAL C 201 18.04 -11.31 -36.86
C VAL C 201 18.67 -10.24 -35.96
N ILE C 202 17.87 -9.60 -35.11
CA ILE C 202 18.37 -8.54 -34.23
C ILE C 202 19.48 -9.08 -33.32
N LEU C 203 19.30 -10.30 -32.81
CA LEU C 203 20.17 -10.81 -31.77
C LEU C 203 21.29 -11.71 -32.29
N TYR C 204 21.22 -12.16 -33.54
CA TYR C 204 22.11 -13.22 -33.99
C TYR C 204 22.66 -13.08 -35.40
N SER C 205 22.22 -12.10 -36.18
CA SER C 205 22.74 -11.93 -37.53
C SER C 205 24.11 -11.25 -37.50
N ASP C 206 24.93 -11.57 -38.50
CA ASP C 206 26.24 -10.97 -38.67
C ASP C 206 26.24 -9.86 -39.72
N ASP C 207 25.08 -9.26 -39.98
CA ASP C 207 24.88 -8.30 -41.06
C ASP C 207 24.20 -7.07 -40.47
N TYR C 208 24.77 -5.88 -40.71
CA TYR C 208 24.29 -4.68 -40.06
C TYR C 208 23.09 -4.06 -40.77
N PRO C 209 23.09 -3.96 -42.11
CA PRO C 209 21.82 -3.63 -42.79
C PRO C 209 20.66 -4.52 -42.38
N ALA C 210 20.90 -5.83 -42.22
CA ALA C 210 19.82 -6.72 -41.80
C ALA C 210 19.38 -6.42 -40.37
N ARG C 211 20.33 -6.08 -39.49
CA ARG C 211 19.98 -5.78 -38.11
C ARG C 211 19.28 -4.42 -38.00
N GLY C 212 19.78 -3.42 -38.73
CA GLY C 212 19.12 -2.12 -38.71
C GLY C 212 17.70 -2.18 -39.26
N ALA C 213 17.49 -2.99 -40.30
CA ALA C 213 16.15 -3.16 -40.85
C ALA C 213 15.23 -3.84 -39.85
N ALA C 214 15.75 -4.82 -39.10
CA ALA C 214 14.91 -5.57 -38.17
C ALA C 214 14.56 -4.75 -36.93
N VAL C 215 15.48 -3.88 -36.49
CA VAL C 215 15.18 -3.01 -35.36
C VAL C 215 14.12 -1.98 -35.75
N GLY C 216 14.24 -1.41 -36.95
CA GLY C 216 13.24 -0.47 -37.41
C GLY C 216 11.89 -1.12 -37.62
N ALA C 217 11.88 -2.37 -38.09
CA ALA C 217 10.63 -3.08 -38.26
C ALA C 217 9.93 -3.30 -36.92
N LEU C 218 10.69 -3.69 -35.89
CA LEU C 218 10.09 -3.93 -34.58
C LEU C 218 9.53 -2.65 -33.99
N TYR C 219 10.30 -1.56 -34.06
CA TYR C 219 9.80 -0.27 -33.60
C TYR C 219 8.60 0.18 -34.41
N GLY C 220 8.60 -0.09 -35.71
CA GLY C 220 7.49 0.34 -36.56
C GLY C 220 6.21 -0.42 -36.28
N ALA C 221 6.31 -1.69 -35.90
CA ALA C 221 5.11 -2.45 -35.55
C ALA C 221 4.62 -2.09 -34.16
N VAL C 222 5.54 -1.96 -33.20
CA VAL C 222 5.17 -1.68 -31.82
C VAL C 222 4.42 -0.35 -31.72
N GLU C 223 4.89 0.66 -32.45
CA GLU C 223 4.23 1.96 -32.41
C GLU C 223 2.84 1.89 -33.06
N SER C 224 2.71 1.13 -34.14
CA SER C 224 1.40 0.98 -34.76
C SER C 224 0.40 0.34 -33.81
N TRP C 225 0.87 -0.54 -32.92
CA TRP C 225 0.01 -1.15 -31.92
C TRP C 225 -0.30 -0.19 -30.77
N VAL C 226 0.70 0.59 -30.34
CA VAL C 226 0.50 1.51 -29.23
C VAL C 226 -0.46 2.62 -29.63
N ARG C 227 -0.28 3.19 -30.82
CA ARG C 227 -1.07 4.34 -31.24
C ARG C 227 -2.46 3.98 -31.71
N ASP C 228 -2.70 2.73 -32.10
CA ASP C 228 -4.04 2.21 -32.33
C ASP C 228 -4.06 0.77 -31.85
N PRO C 229 -4.53 0.52 -30.63
CA PRO C 229 -4.44 -0.83 -30.07
C PRO C 229 -5.64 -1.71 -30.40
N ALA C 230 -6.26 -1.46 -31.56
CA ALA C 230 -7.38 -2.29 -31.99
C ALA C 230 -7.00 -3.76 -32.17
N PRO C 231 -5.87 -4.13 -32.85
CA PRO C 231 -5.46 -5.52 -32.94
C PRO C 231 -4.81 -6.08 -31.67
N LEU C 232 -4.85 -5.33 -30.56
CA LEU C 232 -4.14 -5.81 -29.35
C LEU C 232 -5.08 -6.60 -28.45
N ARG C 233 -4.64 -7.76 -27.98
CA ARG C 233 -5.41 -8.49 -27.01
C ARG C 233 -5.19 -7.82 -25.63
N GLU C 234 -5.95 -8.22 -24.62
CA GLU C 234 -5.75 -7.68 -23.28
C GLU C 234 -4.45 -8.10 -22.65
N GLY C 235 -3.77 -7.18 -21.99
CA GLY C 235 -2.48 -7.47 -21.41
C GLY C 235 -1.72 -6.24 -20.97
N VAL C 236 -0.43 -6.36 -20.69
CA VAL C 236 0.39 -5.25 -20.23
C VAL C 236 0.31 -4.00 -21.05
N ILE C 237 0.28 -4.11 -22.37
CA ILE C 237 0.33 -2.94 -23.21
C ILE C 237 -0.94 -2.17 -23.09
N THR C 238 -2.06 -2.85 -23.15
CA THR C 238 -3.33 -2.18 -22.96
C THR C 238 -3.43 -1.56 -21.58
N ASP C 239 -2.69 -2.07 -20.63
CA ASP C 239 -2.70 -1.50 -19.32
C ASP C 239 -1.79 -0.29 -19.23
N LEU C 240 -0.73 -0.25 -20.00
CA LEU C 240 0.15 0.88 -20.00
C LEU C 240 -0.47 2.00 -20.80
N LEU C 241 -1.53 1.72 -21.51
CA LEU C 241 -2.20 2.74 -22.28
C LEU C 241 -3.40 3.26 -21.58
N ALA C 242 -3.74 2.64 -20.47
CA ALA C 242 -4.89 3.07 -19.72
C ALA C 242 -4.53 4.17 -18.77
N PRO C 243 -5.45 5.10 -18.57
CA PRO C 243 -5.18 6.11 -17.56
C PRO C 243 -5.27 5.53 -16.17
N PRO C 247 -2.16 10.20 -12.07
CA PRO C 247 -1.37 11.14 -11.26
C PRO C 247 0.12 11.08 -11.57
N GLU C 248 0.86 10.29 -10.80
CA GLU C 248 2.29 10.07 -11.04
C GLU C 248 2.57 8.79 -11.81
N ASP C 249 1.56 7.94 -12.02
CA ASP C 249 1.71 6.72 -12.80
C ASP C 249 1.45 6.95 -14.28
N GLN C 250 1.65 8.17 -14.76
CA GLN C 250 1.37 8.50 -16.16
C GLN C 250 2.52 8.07 -17.04
N VAL C 251 2.25 7.17 -17.98
CA VAL C 251 3.22 6.71 -18.96
C VAL C 251 2.90 7.38 -20.29
N THR C 252 3.89 8.04 -20.87
CA THR C 252 3.68 8.72 -22.14
C THR C 252 3.54 7.72 -23.28
N GLU C 253 3.07 8.22 -24.43
CA GLU C 253 2.92 7.34 -25.60
C GLU C 253 4.28 6.87 -26.11
N GLY C 254 5.30 7.72 -25.99
CA GLY C 254 6.64 7.30 -26.40
C GLY C 254 7.28 6.31 -25.44
N GLU C 255 7.01 6.45 -24.14
CA GLU C 255 7.53 5.49 -23.18
C GLU C 255 6.88 4.12 -23.35
N ALA C 256 5.59 4.10 -23.71
CA ALA C 256 4.91 2.83 -23.94
C ALA C 256 5.50 2.10 -25.14
N ILE C 257 5.99 2.83 -26.13
CA ILE C 257 6.60 2.19 -27.30
C ILE C 257 7.98 1.65 -26.97
N VAL C 258 8.79 2.46 -26.26
CA VAL C 258 10.18 2.09 -25.98
C VAL C 258 10.24 0.96 -24.96
N TRP C 259 9.36 0.97 -23.96
CA TRP C 259 9.36 -0.08 -22.96
C TRP C 259 8.75 -1.38 -23.49
N THR C 260 7.86 -1.28 -24.48
CA THR C 260 7.35 -2.49 -25.14
C THR C 260 8.42 -3.13 -26.03
N PHE C 261 9.14 -2.31 -26.80
CA PHE C 261 10.26 -2.80 -27.60
C PHE C 261 11.25 -3.58 -26.74
N ALA C 262 11.56 -3.07 -25.54
CA ALA C 262 12.55 -3.72 -24.68
C ALA C 262 12.04 -5.05 -24.15
N MET C 263 10.74 -5.18 -23.88
CA MET C 263 10.19 -6.43 -23.38
C MET C 263 10.06 -7.49 -24.45
N ILE C 264 9.99 -7.11 -25.73
CA ILE C 264 10.01 -8.10 -26.80
C ILE C 264 11.43 -8.60 -27.04
N ILE C 265 12.43 -7.74 -26.86
CA ILE C 265 13.82 -8.15 -27.02
C ILE C 265 14.29 -9.01 -25.85
N THR C 266 13.77 -8.77 -24.63
CA THR C 266 14.22 -9.45 -23.43
C THR C 266 13.27 -10.54 -22.93
N GLY C 267 12.06 -10.63 -23.50
CA GLY C 267 11.00 -11.39 -22.87
C GLY C 267 11.03 -12.88 -23.06
N TYR C 268 11.67 -13.38 -24.12
CA TYR C 268 11.58 -14.81 -24.41
C TYR C 268 12.84 -15.47 -24.96
N GLU C 269 13.75 -14.73 -25.60
CA GLU C 269 14.86 -15.39 -26.27
C GLU C 269 15.79 -16.09 -25.28
N THR C 270 16.14 -15.40 -24.19
CA THR C 270 17.07 -15.98 -23.23
C THR C 270 16.42 -17.05 -22.35
N THR C 271 15.12 -16.91 -22.06
CA THR C 271 14.44 -17.94 -21.28
C THR C 271 14.45 -19.27 -22.01
N GLY C 272 14.24 -19.25 -23.33
CA GLY C 272 14.34 -20.47 -24.11
C GLY C 272 15.75 -21.03 -24.14
N SER C 273 16.75 -20.14 -24.17
CA SER C 273 18.14 -20.60 -24.13
C SER C 273 18.47 -21.24 -22.79
N LEU C 274 17.79 -20.83 -21.72
CA LEU C 274 17.97 -21.48 -20.43
C LEU C 274 17.26 -22.83 -20.40
N ILE C 275 16.07 -22.92 -21.00
CA ILE C 275 15.36 -24.20 -21.05
C ILE C 275 16.16 -25.23 -21.82
N SER C 276 16.66 -24.86 -23.00
CA SER C 276 17.44 -25.79 -23.80
C SER C 276 18.76 -26.13 -23.12
N ALA C 277 19.41 -25.14 -22.51
CA ALA C 277 20.65 -25.42 -21.77
C ALA C 277 20.39 -26.36 -20.60
N SER C 278 19.30 -26.13 -19.85
CA SER C 278 18.96 -27.03 -18.76
C SER C 278 18.60 -28.42 -19.28
N LEU C 279 17.90 -28.47 -20.42
CA LEU C 279 17.57 -29.76 -21.01
C LEU C 279 18.81 -30.44 -21.56
N PHE C 280 19.73 -29.69 -22.16
CA PHE C 280 20.94 -30.26 -22.72
C PHE C 280 21.72 -31.07 -21.70
N GLU C 281 21.90 -30.49 -20.50
CA GLU C 281 22.68 -31.18 -19.47
C GLU C 281 21.96 -32.37 -18.87
N ALA C 282 20.65 -32.49 -19.10
CA ALA C 282 19.88 -33.61 -18.57
C ALA C 282 19.75 -34.76 -19.55
N LEU C 283 19.50 -34.47 -20.83
CA LEU C 283 19.39 -35.53 -21.82
C LEU C 283 20.74 -36.20 -22.08
N ARG C 284 21.83 -35.47 -21.85
CA ARG C 284 23.16 -36.02 -22.07
C ARG C 284 23.60 -36.96 -20.95
N ARG C 285 22.88 -36.99 -19.82
CA ARG C 285 23.20 -37.90 -18.75
C ARG C 285 22.16 -39.02 -18.69
N PRO C 286 22.56 -40.19 -18.18
CA PRO C 286 21.59 -41.25 -17.93
C PRO C 286 20.42 -40.74 -17.12
N PRO C 287 19.22 -41.31 -17.30
CA PRO C 287 18.04 -40.78 -16.59
C PRO C 287 18.14 -40.84 -15.08
N GLU C 288 18.97 -41.73 -14.52
CA GLU C 288 19.14 -41.77 -13.08
C GLU C 288 19.74 -40.48 -12.54
N GLU C 289 20.74 -39.94 -13.24
CA GLU C 289 21.37 -38.69 -12.84
C GLU C 289 20.50 -37.48 -13.10
N ARG C 290 19.29 -37.66 -13.63
CA ARG C 290 18.45 -36.53 -13.95
C ARG C 290 17.61 -36.11 -12.75
N PRO C 291 17.34 -34.81 -12.62
CA PRO C 291 16.60 -34.33 -11.44
C PRO C 291 15.15 -34.76 -11.50
N ARG C 292 14.62 -35.15 -10.35
CA ARG C 292 13.22 -35.52 -10.22
C ARG C 292 12.48 -34.62 -9.24
N THR C 293 13.02 -34.43 -8.04
CA THR C 293 12.32 -33.64 -7.04
C THR C 293 12.27 -32.16 -7.44
N ASP C 294 11.30 -31.46 -6.84
CA ASP C 294 11.17 -30.03 -7.10
C ASP C 294 12.38 -29.26 -6.63
N GLU C 295 13.09 -29.79 -5.62
CA GLU C 295 14.31 -29.12 -5.17
C GLU C 295 15.44 -29.31 -6.17
N GLU C 296 15.55 -30.50 -6.75
CA GLU C 296 16.64 -30.77 -7.69
C GLU C 296 16.41 -30.06 -9.02
N ILE C 297 15.15 -29.89 -9.43
CA ILE C 297 14.88 -29.18 -10.68
C ILE C 297 15.26 -27.71 -10.54
N LYS C 298 14.96 -27.12 -9.39
CA LYS C 298 15.37 -25.73 -9.14
C LYS C 298 16.89 -25.60 -9.18
N GLY C 299 17.59 -26.46 -8.44
CA GLY C 299 19.04 -26.44 -8.47
C GLY C 299 19.62 -26.81 -9.82
N TRP C 300 18.85 -27.50 -10.65
CA TRP C 300 19.34 -27.88 -11.97
C TRP C 300 19.41 -26.66 -12.90
N VAL C 301 18.34 -25.88 -12.97
CA VAL C 301 18.35 -24.73 -13.86
C VAL C 301 19.20 -23.60 -13.28
N GLU C 302 19.46 -23.61 -11.97
CA GLU C 302 20.39 -22.65 -11.39
C GLU C 302 21.81 -22.95 -11.82
N GLU C 303 22.17 -24.23 -11.90
CA GLU C 303 23.49 -24.61 -12.39
C GLU C 303 23.61 -24.43 -13.89
N ALA C 304 22.50 -24.60 -14.62
CA ALA C 304 22.50 -24.32 -16.05
C ALA C 304 22.71 -22.84 -16.33
N LEU C 305 22.19 -21.97 -15.46
CA LEU C 305 22.44 -20.53 -15.59
C LEU C 305 23.90 -20.19 -15.28
N ARG C 306 24.51 -20.91 -14.34
CA ARG C 306 25.90 -20.62 -13.98
C ARG C 306 26.87 -21.11 -15.04
N VAL C 307 26.59 -22.27 -15.64
CA VAL C 307 27.51 -22.85 -16.62
C VAL C 307 27.30 -22.24 -18.00
N HIS C 308 26.04 -22.01 -18.39
CA HIS C 308 25.69 -21.47 -19.71
C HIS C 308 24.89 -20.18 -19.54
N PRO C 309 25.53 -19.09 -19.14
CA PRO C 309 24.82 -17.81 -19.07
C PRO C 309 24.40 -17.38 -20.47
N PRO C 310 23.10 -17.20 -20.71
CA PRO C 310 22.66 -16.72 -22.03
C PRO C 310 23.32 -15.43 -22.45
N PHE C 311 23.61 -14.55 -21.51
CA PHE C 311 24.46 -13.38 -21.73
C PHE C 311 25.82 -13.65 -21.10
N PRO C 312 26.82 -14.12 -21.85
CA PRO C 312 28.16 -14.24 -21.27
C PRO C 312 28.71 -12.91 -20.76
N HIS C 313 28.40 -11.82 -21.47
CA HIS C 313 28.62 -10.45 -21.02
C HIS C 313 27.31 -9.69 -21.14
N PRO C 314 26.94 -8.89 -20.13
CA PRO C 314 25.67 -8.17 -20.18
C PRO C 314 25.71 -6.95 -21.08
N THR C 315 25.03 -5.89 -20.67
CA THR C 315 24.98 -4.66 -21.45
C THR C 315 26.20 -3.79 -21.09
N TRP C 316 26.19 -2.54 -21.55
CA TRP C 316 27.35 -1.67 -21.47
C TRP C 316 27.25 -0.72 -20.29
N ARG C 317 28.41 -0.32 -19.78
CA ARG C 317 28.51 0.71 -18.75
C ARG C 317 29.60 1.70 -19.17
N PHE C 318 29.59 2.87 -18.54
CA PHE C 318 30.53 3.92 -18.89
C PHE C 318 31.08 4.56 -17.63
N ALA C 319 32.38 4.79 -17.63
CA ALA C 319 33.06 5.38 -16.48
C ALA C 319 32.84 6.88 -16.47
N THR C 320 32.18 7.39 -15.44
CA THR C 320 31.98 8.83 -15.32
C THR C 320 33.23 9.54 -14.81
N GLU C 321 34.18 8.81 -14.25
CA GLU C 321 35.50 9.33 -13.90
C GLU C 321 36.52 8.22 -14.07
N ASP C 322 37.78 8.54 -13.79
CA ASP C 322 38.83 7.52 -13.78
C ASP C 322 38.64 6.60 -12.59
N ILE C 323 38.62 5.29 -12.85
CA ILE C 323 38.33 4.30 -11.83
C ILE C 323 39.49 3.32 -11.74
N ASP C 324 39.88 2.96 -10.53
CA ASP C 324 40.80 1.87 -10.27
C ASP C 324 40.01 0.66 -9.81
N LEU C 325 40.28 -0.49 -10.41
CA LEU C 325 39.58 -1.72 -10.02
C LEU C 325 40.48 -2.61 -9.19
N GLY C 326 41.28 -3.44 -9.85
CA GLY C 326 42.26 -4.26 -9.15
C GLY C 326 43.66 -3.83 -9.51
N GLY C 327 43.97 -2.56 -9.27
CA GLY C 327 45.23 -1.99 -9.70
C GLY C 327 45.25 -1.51 -11.14
N TYR C 328 44.13 -1.59 -11.84
CA TYR C 328 44.04 -1.26 -13.26
C TYR C 328 43.22 0.01 -13.47
N LEU C 329 43.64 0.83 -14.43
CA LEU C 329 42.97 2.07 -14.75
C LEU C 329 41.98 1.85 -15.89
N ILE C 330 40.77 2.34 -15.71
CA ILE C 330 39.79 2.43 -16.79
C ILE C 330 39.38 3.89 -16.91
N PRO C 331 39.80 4.57 -17.97
CA PRO C 331 39.66 6.03 -18.04
C PRO C 331 38.21 6.47 -18.11
N GLU C 332 38.02 7.77 -17.92
CA GLU C 332 36.70 8.37 -18.00
C GLU C 332 36.10 8.22 -19.39
N GLY C 333 34.82 7.87 -19.44
CA GLY C 333 34.12 7.68 -20.68
C GLY C 333 34.40 6.37 -21.39
N ALA C 334 35.24 5.53 -20.83
CA ALA C 334 35.56 4.25 -21.46
C ALA C 334 34.37 3.31 -21.35
N PRO C 335 33.96 2.67 -22.45
CA PRO C 335 32.92 1.64 -22.35
C PRO C 335 33.47 0.40 -21.67
N VAL C 336 32.69 -0.15 -20.74
CA VAL C 336 33.14 -1.27 -19.92
C VAL C 336 32.07 -2.36 -19.93
N GLN C 337 32.52 -3.61 -20.12
CA GLN C 337 31.70 -4.81 -20.00
C GLN C 337 32.27 -5.68 -18.89
N VAL C 338 31.48 -6.65 -18.44
CA VAL C 338 31.94 -7.58 -17.40
C VAL C 338 31.74 -9.01 -17.89
N ASN C 339 32.63 -9.90 -17.46
CA ASN C 339 32.61 -11.29 -17.88
C ASN C 339 31.83 -12.11 -16.86
N LEU C 340 30.61 -12.51 -17.21
CA LEU C 340 29.79 -13.34 -16.33
C LEU C 340 30.17 -14.80 -16.43
N ALA C 341 30.57 -15.28 -17.61
CA ALA C 341 31.04 -16.65 -17.75
C ALA C 341 32.22 -16.92 -16.83
N ALA C 342 33.17 -15.99 -16.78
CA ALA C 342 34.34 -16.17 -15.91
C ALA C 342 34.00 -15.92 -14.46
N ALA C 343 33.15 -14.93 -14.18
CA ALA C 343 32.81 -14.61 -12.80
C ALA C 343 31.99 -15.71 -12.14
N ASN C 344 31.27 -16.51 -12.93
CA ASN C 344 30.51 -17.63 -12.40
C ASN C 344 31.38 -18.84 -12.11
N ARG C 345 32.57 -18.89 -12.70
CA ARG C 345 33.47 -20.03 -12.52
C ARG C 345 34.62 -19.68 -11.60
N GLU C 349 37.85 -24.39 -13.18
CA GLU C 349 36.65 -25.00 -13.74
C GLU C 349 36.87 -25.38 -15.19
N GLY C 350 36.42 -24.53 -16.11
CA GLY C 350 36.52 -24.80 -17.52
C GLY C 350 35.29 -24.34 -18.27
N PRO C 351 35.27 -24.54 -19.59
CA PRO C 351 34.10 -24.14 -20.39
C PRO C 351 32.84 -24.93 -20.05
N ASP C 352 32.95 -26.25 -19.98
CA ASP C 352 31.84 -27.11 -19.59
C ASP C 352 32.15 -27.71 -18.21
N CYS C 353 31.38 -27.29 -17.21
CA CYS C 353 31.64 -27.70 -15.83
C CYS C 353 30.36 -27.91 -15.04
N PHE C 354 29.30 -28.37 -15.70
CA PHE C 354 28.02 -28.57 -15.04
C PHE C 354 28.13 -29.63 -13.93
N THR C 355 28.02 -29.20 -12.68
CA THR C 355 28.04 -30.09 -11.54
C THR C 355 26.73 -29.94 -10.77
N PRO C 356 25.89 -30.98 -10.72
CA PRO C 356 24.60 -30.83 -10.02
C PRO C 356 24.73 -30.49 -8.56
N GLU C 357 25.85 -30.85 -7.92
CA GLU C 357 26.06 -30.56 -6.51
C GLU C 357 26.41 -29.10 -6.25
N ARG C 358 26.73 -28.32 -7.28
CA ARG C 358 26.96 -26.89 -7.10
C ARG C 358 25.65 -26.12 -7.04
N GLN C 359 24.62 -26.57 -7.75
CA GLN C 359 23.30 -25.95 -7.77
C GLN C 359 23.38 -24.45 -8.08
N GLY C 360 24.35 -24.06 -8.91
CA GLY C 360 24.46 -22.68 -9.35
C GLY C 360 24.84 -21.68 -8.29
N ARG C 361 25.44 -22.13 -7.19
CA ARG C 361 25.80 -21.21 -6.13
C ARG C 361 26.88 -20.25 -6.60
N GLY C 362 26.65 -18.96 -6.40
CA GLY C 362 27.63 -17.96 -6.79
C GLY C 362 27.68 -17.67 -8.28
N HIS C 363 26.53 -17.51 -8.91
CA HIS C 363 26.46 -17.10 -10.31
C HIS C 363 25.94 -15.67 -10.40
N LEU C 364 26.30 -14.99 -11.49
CA LEU C 364 25.93 -13.62 -11.74
C LEU C 364 25.27 -13.47 -13.11
N SER C 365 24.50 -14.48 -13.52
CA SER C 365 23.92 -14.49 -14.85
C SER C 365 22.71 -13.58 -14.98
N PHE C 366 22.16 -13.06 -13.88
CA PHE C 366 21.06 -12.12 -13.92
C PHE C 366 21.50 -10.69 -13.62
N GLY C 367 22.80 -10.46 -13.41
CA GLY C 367 23.28 -9.17 -12.99
C GLY C 367 23.39 -9.09 -11.48
N LEU C 368 23.45 -7.85 -10.99
CA LEU C 368 23.58 -7.62 -9.55
C LEU C 368 23.25 -6.17 -9.25
N GLY C 369 22.38 -5.96 -8.27
CA GLY C 369 22.17 -4.63 -7.72
C GLY C 369 21.08 -3.87 -8.44
N MET C 370 21.35 -2.62 -8.81
CA MET C 370 20.31 -1.75 -9.43
C MET C 370 19.70 -2.38 -10.68
N HIS C 371 20.53 -2.87 -11.59
CA HIS C 371 20.01 -3.38 -12.85
C HIS C 371 19.86 -4.90 -12.87
N TYR C 372 19.73 -5.52 -11.69
CA TYR C 372 19.46 -6.94 -11.62
C TYR C 372 18.22 -7.28 -12.42
N CYS C 373 18.27 -8.38 -13.16
CA CYS C 373 17.23 -8.71 -14.12
C CYS C 373 15.86 -8.70 -13.48
N ILE C 374 14.96 -7.89 -14.04
CA ILE C 374 13.60 -7.79 -13.53
C ILE C 374 12.75 -9.00 -13.94
N GLY C 375 13.17 -9.75 -14.95
CA GLY C 375 12.43 -10.93 -15.37
C GLY C 375 13.02 -12.22 -14.87
N ALA C 376 13.79 -12.14 -13.77
CA ALA C 376 14.46 -13.33 -13.24
C ALA C 376 13.45 -14.32 -12.68
N SER C 377 12.43 -13.83 -11.96
CA SER C 377 11.40 -14.71 -11.42
C SER C 377 10.66 -15.43 -12.55
N LEU C 378 10.32 -14.70 -13.60
CA LEU C 378 9.58 -15.29 -14.72
C LEU C 378 10.43 -16.34 -15.44
N ALA C 379 11.69 -16.00 -15.72
CA ALA C 379 12.56 -16.92 -16.45
C ALA C 379 12.80 -18.20 -15.67
N ARG C 380 13.01 -18.09 -14.35
CA ARG C 380 13.20 -19.27 -13.53
C ARG C 380 11.95 -20.15 -13.56
N LEU C 381 10.78 -19.55 -13.33
CA LEU C 381 9.55 -20.32 -13.29
C LEU C 381 9.30 -21.05 -14.61
N GLU C 382 9.57 -20.38 -15.73
CA GLU C 382 9.33 -21.01 -17.02
C GLU C 382 10.35 -22.12 -17.28
N ALA C 383 11.62 -21.88 -16.96
CA ALA C 383 12.63 -22.91 -17.19
C ALA C 383 12.41 -24.12 -16.28
N GLN C 384 12.02 -23.88 -15.03
CA GLN C 384 11.77 -24.99 -14.11
C GLN C 384 10.58 -25.83 -14.57
N ILE C 385 9.49 -25.17 -14.94
CA ILE C 385 8.29 -25.88 -15.37
C ILE C 385 8.51 -26.58 -16.69
N ALA C 386 9.25 -25.94 -17.61
CA ALA C 386 9.54 -26.58 -18.89
C ALA C 386 10.48 -27.77 -18.73
N LEU C 387 11.45 -27.66 -17.81
CA LEU C 387 12.34 -28.78 -17.55
C LEU C 387 11.61 -29.90 -16.83
N ARG C 388 10.78 -29.54 -15.84
CA ARG C 388 9.97 -30.54 -15.16
C ARG C 388 9.04 -31.23 -16.13
N GLY C 389 8.41 -30.48 -17.03
CA GLY C 389 7.42 -31.06 -17.93
C GLY C 389 8.03 -32.04 -18.93
N PHE C 390 9.22 -31.74 -19.44
CA PHE C 390 9.83 -32.62 -20.43
C PHE C 390 10.29 -33.93 -19.80
N LEU C 391 10.86 -33.86 -18.60
CA LEU C 391 11.38 -35.08 -17.96
C LEU C 391 10.25 -36.01 -17.52
N ARG C 392 9.11 -35.47 -17.10
CA ARG C 392 7.97 -36.32 -16.78
C ARG C 392 7.39 -37.00 -18.02
N ARG C 393 7.44 -36.32 -19.16
CA ARG C 393 6.79 -36.81 -20.38
C ARG C 393 7.64 -37.80 -21.16
N PHE C 394 8.95 -37.57 -21.23
CA PHE C 394 9.88 -38.44 -21.96
C PHE C 394 10.98 -38.92 -21.01
N PRO C 395 10.66 -39.84 -20.09
CA PRO C 395 11.68 -40.29 -19.13
C PRO C 395 12.82 -41.07 -19.77
N GLU C 396 12.65 -41.58 -20.99
CA GLU C 396 13.70 -42.34 -21.68
C GLU C 396 14.29 -41.57 -22.86
N ALA C 397 14.17 -40.25 -22.86
CA ALA C 397 14.75 -39.44 -23.91
C ALA C 397 16.28 -39.47 -23.83
N ARG C 398 16.93 -39.39 -24.97
CA ARG C 398 18.40 -39.44 -25.01
C ARG C 398 18.89 -38.50 -26.10
N LEU C 399 20.18 -38.23 -26.13
CA LEU C 399 20.76 -37.29 -27.08
C LEU C 399 21.32 -37.98 -28.31
N SER C 400 22.01 -39.11 -28.11
CA SER C 400 22.68 -39.84 -29.18
C SER C 400 23.68 -38.95 -29.91
N GLU C 414 25.24 -26.48 -33.58
CA GLU C 414 24.58 -26.66 -32.29
C GLU C 414 24.51 -25.36 -31.52
N TRP C 415 25.61 -24.61 -31.54
CA TRP C 415 25.74 -23.38 -30.77
C TRP C 415 25.85 -22.19 -31.70
N GLU C 416 25.25 -21.08 -31.28
CA GLU C 416 25.39 -19.79 -31.95
C GLU C 416 25.72 -18.77 -30.87
N SER C 417 26.88 -18.13 -30.98
CA SER C 417 27.33 -17.31 -29.88
C SER C 417 28.25 -16.18 -30.35
N GLU C 418 28.11 -15.03 -29.71
CA GLU C 418 29.13 -13.99 -29.66
C GLU C 418 29.54 -13.84 -28.19
N TRP C 419 30.36 -12.84 -27.91
CA TRP C 419 30.78 -12.64 -26.53
C TRP C 419 29.68 -12.06 -25.65
N MET C 420 28.61 -11.52 -26.24
CA MET C 420 27.51 -10.93 -25.48
C MET C 420 26.21 -11.72 -25.54
N ILE C 421 26.12 -12.74 -26.40
CA ILE C 421 24.93 -13.58 -26.47
C ILE C 421 25.35 -14.98 -26.88
N ARG C 422 24.69 -15.98 -26.29
CA ARG C 422 25.03 -17.38 -26.52
C ARG C 422 23.77 -18.22 -26.38
N ARG C 423 23.58 -19.16 -27.30
CA ARG C 423 22.39 -19.99 -27.29
C ARG C 423 22.65 -21.27 -28.08
N MET C 424 21.76 -22.25 -27.88
CA MET C 424 21.79 -23.52 -28.61
C MET C 424 20.74 -23.49 -29.71
N ILE C 425 21.14 -23.86 -30.93
CA ILE C 425 20.24 -23.72 -32.06
C ILE C 425 19.71 -25.10 -32.46
N VAL C 426 20.52 -26.14 -32.28
CA VAL C 426 20.07 -27.50 -32.51
C VAL C 426 20.41 -28.34 -31.28
N LEU C 427 19.43 -29.10 -30.81
CA LEU C 427 19.58 -30.08 -29.73
C LEU C 427 18.86 -31.35 -30.18
N PRO C 428 19.56 -32.23 -30.91
CA PRO C 428 18.91 -33.43 -31.48
C PRO C 428 18.74 -34.51 -30.42
N ALA C 429 17.51 -34.95 -30.23
CA ALA C 429 17.20 -35.99 -29.26
C ALA C 429 16.23 -36.97 -29.87
N GLU C 430 16.17 -38.16 -29.28
CA GLU C 430 15.13 -39.14 -29.57
C GLU C 430 14.49 -39.56 -28.25
N VAL C 431 13.16 -39.66 -28.26
CA VAL C 431 12.38 -39.87 -27.06
C VAL C 431 11.51 -41.11 -27.25
N GLY C 432 10.91 -41.56 -26.15
CA GLY C 432 9.97 -42.68 -26.21
C GLY C 432 8.58 -42.20 -26.53
N LEU C 433 7.71 -42.03 -25.53
CA LEU C 433 7.89 -42.30 -24.11
C LEU C 433 6.53 -42.29 -23.37
N GLU C 434 6.60 -42.04 -22.07
CA GLU C 434 5.41 -42.05 -21.21
C GLU C 434 4.50 -40.86 -21.46
CHA HEM D . -23.40 -8.67 13.54
CHB HEM D . -21.01 -7.68 17.45
CHC HEM D . -25.18 -6.88 19.63
CHD HEM D . -27.48 -8.78 15.93
C1A HEM D . -22.42 -8.41 14.41
C2A HEM D . -21.10 -8.45 14.06
C3A HEM D . -20.44 -8.16 15.15
C4A HEM D . -21.35 -7.97 16.17
CMA HEM D . -18.97 -8.06 15.23
CAA HEM D . -20.47 -8.67 12.72
CBA HEM D . -19.81 -10.01 12.54
CGA HEM D . -18.99 -10.10 11.28
O1A HEM D . -18.29 -11.05 11.07
O2A HEM D . -18.98 -9.22 10.44
C1B HEM D . -21.97 -7.35 18.36
C2B HEM D . -21.66 -6.94 19.64
C3B HEM D . -22.79 -6.70 20.26
C4B HEM D . -23.85 -6.99 19.32
CMB HEM D . -20.29 -6.79 20.19
CAB HEM D . -22.98 -6.29 21.63
CBB HEM D . -22.52 -5.18 22.12
C1C HEM D . -26.16 -7.34 18.82
C2C HEM D . -27.48 -7.37 19.12
C3C HEM D . -28.12 -7.89 18.06
C4C HEM D . -27.18 -8.23 17.12
CMC HEM D . -28.09 -6.88 20.39
CAC HEM D . -29.53 -8.14 17.91
CBC HEM D . -30.41 -7.36 18.46
C1D HEM D . -26.50 -8.89 14.98
C2D HEM D . -26.78 -9.41 13.69
C3D HEM D . -25.66 -9.39 13.04
C4D HEM D . -24.69 -8.85 13.93
CMD HEM D . -28.08 -9.89 13.14
CAD HEM D . -25.48 -9.83 11.63
CBD HEM D . -25.61 -8.61 10.73
CGD HEM D . -25.39 -8.94 9.27
O1D HEM D . -24.66 -9.82 8.90
O2D HEM D . -25.93 -8.30 8.42
NA HEM D . -22.58 -8.15 15.72
NB HEM D . -23.27 -7.35 18.22
NC HEM D . -25.98 -7.88 17.61
ND HEM D . -25.22 -8.57 15.09
FE HEM D . -24.30 -7.90 16.52
C10 VI4 E . -22.93 -21.29 17.59
C11 VI4 E . -23.75 -22.41 17.41
C12 VI4 E . -24.91 -22.30 16.64
C13 VI4 E . -25.26 -21.09 16.05
C14 VI4 E . -24.43 -19.95 16.24
C16 VI4 E . -25.45 -17.82 14.96
C18 VI4 E . -24.07 -15.81 15.23
C15 VI4 E . -24.49 -18.56 15.78
C17 VI4 E . -25.24 -16.47 14.68
C19 VI4 E . -23.55 -14.45 15.14
C24 VI4 E . -22.38 -14.40 15.87
C23 VI4 E . -21.66 -13.17 15.95
C22 VI4 E . -22.14 -12.04 15.31
C21 VI4 E . -23.32 -12.09 14.57
C20 VI4 E . -24.03 -13.30 14.49
C01 VI4 E . -19.72 -18.50 20.15
C02 VI4 E . -20.13 -17.32 19.30
C03 VI4 E . -19.08 -17.12 18.20
C04 VI4 E . -19.02 -18.27 17.27
C05 VI4 E . -20.33 -18.58 16.69
C06 VI4 E . -21.43 -18.69 17.74
C09 VI4 E . -23.29 -20.06 16.99
C26 VI4 E . -23.15 -16.50 16.01
C27 VI4 E . -23.37 -17.92 16.30
C28 VI4 E . -26.40 -15.96 13.81
C30 VI4 E . -26.75 -18.24 14.26
N08 VI4 E . -22.67 -18.84 17.03
N25 VI4 E . -22.15 -15.64 16.39
N29 VI4 E . -27.29 -17.08 13.56
N32 VI4 E . -18.08 -17.94 16.12
O07 VI4 E . -21.45 -17.55 18.71
O31 VI4 E . -27.23 -19.32 14.27
O33 VI4 E . -19.43 -15.94 17.44
C10 VI4 F . -31.79 -31.92 12.41
C11 VI4 F . -32.78 -32.80 12.85
C12 VI4 F . -33.58 -33.46 11.92
C13 VI4 F . -33.39 -33.25 10.55
C14 VI4 F . -32.38 -32.36 10.10
C16 VI4 F . -32.35 -32.25 7.43
C18 VI4 F . -30.63 -30.72 6.53
C15 VI4 F . -31.92 -31.92 8.78
C17 VI4 F . -31.72 -31.66 6.33
C19 VI4 F . -29.77 -29.95 5.62
C24 VI4 F . -28.91 -29.22 6.41
C23 VI4 F . -27.94 -28.36 5.83
C22 VI4 F . -27.86 -28.25 4.44
C21 VI4 F . -28.74 -28.99 3.64
C20 VI4 F . -29.69 -29.83 4.22
C01 VI4 F . -28.10 -26.93 9.83
C02 VI4 F . -28.20 -28.38 10.23
C03 VI4 F . -27.16 -28.75 11.29
C04 VI4 F . -27.35 -30.14 11.81
C05 VI4 F . -28.43 -30.87 11.13
C06 VI4 F . -29.74 -30.11 11.09
C09 VI4 F . -31.59 -31.71 11.01
C26 VI4 F . -30.22 -30.41 7.81
C27 VI4 F . -30.88 -31.02 8.99
C28 VI4 F . -32.38 -32.19 5.05
C30 VI4 F . -33.45 -33.19 6.88
N08 VI4 F . -30.70 -30.90 10.36
N25 VI4 F . -29.20 -29.52 7.71
N29 VI4 F . -33.44 -33.12 5.43
N32 VI4 F . -26.02 -30.86 11.59
O07 VI4 F . -29.59 -28.70 10.58
O31 VI4 F . -34.19 -33.85 7.54
O33 VI4 F . -25.87 -28.68 10.67
CHA HEM G . 0.92 16.03 3.02
CHB HEM G . 3.02 18.87 -0.06
CHC HEM G . -1.10 21.13 -0.68
CHD HEM G . -2.72 18.90 3.11
C1A HEM G . 1.77 16.61 2.20
C2A HEM G . 3.02 16.12 2.08
C3A HEM G . 3.62 16.90 1.23
C4A HEM G . 2.76 17.88 0.83
CMA HEM G . 5.01 16.71 0.77
CAA HEM G . 3.56 14.89 2.76
CBA HEM G . 4.53 15.21 3.87
CGA HEM G . 5.36 14.08 4.37
O1A HEM G . 6.30 14.27 5.10
O2A HEM G . 5.17 12.93 4.07
C1B HEM G . 2.04 19.72 -0.51
C2B HEM G . 2.22 20.67 -1.50
C3B HEM G . 1.08 21.29 -1.68
C4B HEM G . 0.18 20.73 -0.76
CMB HEM G . 3.46 20.94 -2.28
CAB HEM G . 0.78 22.37 -2.61
CBB HEM G . 1.30 22.36 -3.80
C1C HEM G . -1.89 20.69 0.31
C2C HEM G . -3.18 21.09 0.50
C3C HEM G . -3.60 20.43 1.58
C4C HEM G . -2.58 19.64 2.04
CMC HEM G . -3.97 22.03 -0.32
CAC HEM G . -4.90 20.48 2.19
CBC HEM G . -5.69 21.48 1.97
C1D HEM G . -1.83 17.92 3.35
C2D HEM G . -2.09 17.00 4.41
C3D HEM G . -1.08 16.19 4.40
C4D HEM G . -0.22 16.65 3.33
CMD HEM G . -3.27 16.98 5.32
CAD HEM G . -0.87 15.04 5.32
CBD HEM G . -1.74 13.88 4.92
CGD HEM G . -1.34 12.61 5.56
O1D HEM G . -0.48 12.57 6.40
O2D HEM G . -1.80 11.56 5.26
NA HEM G . 1.63 17.70 1.47
NB HEM G . 0.82 19.80 -0.09
NC HEM G . -1.55 19.81 1.26
ND HEM G . -0.72 17.68 2.73
FE HEM G . 0.01 18.61 1.35
C10 VI4 H . 4.89 25.14 11.86
C11 VI4 H . 4.37 25.59 13.07
C12 VI4 H . 3.19 25.03 13.57
C13 VI4 H . 2.53 24.03 12.86
C14 VI4 H . 3.06 23.58 11.63
C16 VI4 H . 1.50 21.67 10.59
C18 VI4 H . 2.33 20.80 8.44
C15 VI4 H . 2.63 22.57 10.65
C17 VI4 H . 1.35 20.80 9.51
C19 VI4 H . 2.48 20.05 7.20
C24 VI4 H . 3.62 20.50 6.57
C23 VI4 H . 4.01 19.93 5.32
C22 VI4 H . 3.24 18.93 4.74
C21 VI4 H . 2.08 18.48 5.37
C20 VI4 H . 1.69 19.03 6.60
C01 VI4 H . 7.21 25.47 7.16
C02 VI4 H . 6.56 24.13 6.89
C03 VI4 H . 7.56 23.01 7.13
C04 VI4 H . 7.89 22.83 8.57
C05 VI4 H . 6.69 22.76 9.43
C06 VI4 H . 5.67 23.85 9.16
C09 VI4 H . 4.22 24.12 11.13
C26 VI4 H . 3.41 21.66 8.48
C27 VI4 H . 3.57 22.58 9.62
C28 VI4 H . 0.08 19.97 9.75
C30 VI4 H . 0.33 21.45 11.57
N08 VI4 H . 4.52 23.53 9.92
N25 VI4 H . 4.17 21.46 7.36
N29 VI4 H . -0.51 20.41 11.01
N32 VI4 H . 8.67 21.53 8.75
O07 VI4 H . 5.35 24.00 7.71
O31 VI4 H . 0.17 22.02 12.60
O33 VI4 H . 7.05 21.76 6.63
C10 VI4 I . -4.00 25.65 23.15
C11 VI4 I . -3.32 25.19 22.03
C12 VI4 I . -2.97 23.84 21.95
C13 VI4 I . -3.32 22.98 22.99
C14 VI4 I . -4.01 23.45 24.13
C16 VI4 I . -4.43 21.44 25.83
C18 VI4 I . -5.63 22.09 27.88
C15 VI4 I . -4.50 22.81 25.35
C17 VI4 I . -4.98 21.07 27.06
C19 VI4 I . -6.30 22.07 29.18
C24 VI4 I . -6.73 23.35 29.43
C23 VI4 I . -7.41 23.65 30.63
C22 VI4 I . -7.66 22.64 31.56
C21 VI4 I . -7.23 21.34 31.30
C20 VI4 I . -6.56 21.04 30.12
C01 VI4 I . -7.50 28.01 28.05
C02 VI4 I . -7.63 26.70 27.34
C03 VI4 I . -8.47 26.92 26.08
C04 VI4 I . -7.78 26.42 24.87
C05 VI4 I . -6.41 26.90 24.81
C06 VI4 I . -5.55 26.26 25.88
C09 VI4 I . -4.36 24.79 24.23
C26 VI4 I . -5.70 23.40 27.43
C27 VI4 I . -5.12 23.79 26.12
C28 VI4 I . -4.76 19.57 27.27
C30 VI4 I . -3.82 20.16 25.20
N08 VI4 I . -5.03 24.99 25.43
N25 VI4 I . -6.35 24.13 28.37
N29 VI4 I . -4.04 19.06 26.13
N32 VI4 I . -7.82 24.90 24.84
O07 VI4 I . -6.29 26.13 27.19
O31 VI4 I . -3.26 20.08 24.15
O33 VI4 I . -9.74 26.24 26.22
C10 VI4 J . -1.59 27.00 25.50
C11 VI4 J . -2.19 27.90 26.37
C12 VI4 J . -2.59 27.47 27.63
C13 VI4 J . -2.38 26.14 28.01
C14 VI4 J . -1.76 25.22 27.11
C16 VI4 J . -1.57 22.83 28.31
C18 VI4 J . -0.52 21.13 26.89
C15 VI4 J . -1.41 23.81 27.22
C17 VI4 J . -1.14 21.52 28.13
C19 VI4 J . 0.04 19.88 26.38
C24 VI4 J . 0.49 20.11 25.11
C23 VI4 J . 1.09 19.08 24.36
C22 VI4 J . 1.22 17.81 24.91
C21 VI4 J . 0.75 17.57 26.21
C20 VI4 J . 0.16 18.59 26.95
C01 VI4 J . 2.21 22.41 21.97
C02 VI4 J . 1.92 23.32 23.13
C03 VI4 J . 2.53 24.66 22.80
C04 VI4 J . 2.02 25.66 23.76
C05 VI4 J . 0.59 25.84 23.55
C06 VI4 J . -0.24 24.58 23.84
C09 VI4 J . -1.35 25.62 25.86
C26 VI4 J . -0.36 22.05 25.86
C27 VI4 J . -0.81 23.45 26.02
C28 VI4 J . -1.45 20.72 29.42
C30 VI4 J . -2.18 22.93 29.72
N08 VI4 J . -0.77 24.54 25.19
N25 VI4 J . 0.24 21.42 24.82
N29 VI4 J . -2.08 21.63 30.36
N32 VI4 J . 2.23 25.11 25.18
O07 VI4 J . 0.47 23.30 23.42
O31 VI4 J . -2.65 23.91 30.22
O33 VI4 J . 3.97 24.58 22.91
CHA HEM K . 18.29 -7.21 -17.02
CHB HEM K . 19.75 -11.54 -18.12
CHC HEM K . 15.23 -12.76 -18.57
CHD HEM K . 14.00 -8.27 -18.77
C1A HEM K . 19.04 -8.30 -17.21
C2A HEM K . 20.37 -8.35 -16.93
C3A HEM K . 20.78 -9.54 -17.23
C4A HEM K . 19.70 -10.26 -17.70
CMA HEM K . 22.19 -9.95 -17.01
CAA HEM K . 21.26 -7.30 -16.36
CBA HEM K . 21.92 -6.41 -17.40
CGA HEM K . 23.12 -5.63 -16.94
O1A HEM K . 24.00 -5.37 -17.74
O2A HEM K . 23.27 -5.23 -15.80
C1B HEM K . 18.58 -12.22 -18.28
C2B HEM K . 18.58 -13.57 -18.50
C3B HEM K . 17.32 -13.93 -18.64
C4B HEM K . 16.56 -12.73 -18.50
CMB HEM K . 19.73 -14.50 -18.60
CAB HEM K . 16.73 -15.24 -18.88
CBB HEM K . 17.45 -16.32 -19.00
C1C HEM K . 14.51 -11.66 -18.65
C2C HEM K . 13.17 -11.65 -18.79
C3C HEM K . 12.77 -10.38 -18.86
C4C HEM K . 13.93 -9.60 -18.76
CMC HEM K . 12.27 -12.84 -18.89
CAC HEM K . 11.37 -10.08 -19.03
CBC HEM K . 10.90 -8.92 -19.35
C1D HEM K . 15.14 -7.67 -18.27
C2D HEM K . 15.15 -6.25 -18.03
C3D HEM K . 16.31 -5.95 -17.53
C4D HEM K . 17.03 -7.19 -17.48
CMD HEM K . 14.02 -5.32 -18.28
CAD HEM K . 16.77 -4.57 -17.13
CBD HEM K . 16.31 -4.20 -15.72
CGD HEM K . 16.89 -2.90 -15.21
O1D HEM K . 17.70 -2.28 -15.82
O2D HEM K . 16.57 -2.44 -14.13
NA HEM K . 18.63 -9.50 -17.71
NB HEM K . 17.37 -11.77 -18.28
NC HEM K . 14.96 -10.43 -18.61
ND HEM K . 16.28 -8.18 -17.90
FE HEM K . 16.79 -9.87 -18.03
C10 VI4 L . 20.11 -4.96 -30.06
C11 VI4 L . 19.54 -4.09 -31.00
C12 VI4 L . 18.57 -3.17 -30.59
C13 VI4 L . 18.16 -3.14 -29.25
C14 VI4 L . 18.73 -4.02 -28.31
C16 VI4 L . 17.68 -3.62 -25.89
C18 VI4 L . 18.60 -5.10 -24.17
C15 VI4 L . 18.54 -4.25 -26.87
C17 VI4 L . 17.70 -4.03 -24.57
C19 VI4 L . 18.87 -5.75 -22.90
C24 VI4 L . 19.84 -6.70 -23.13
C23 VI4 L . 20.29 -7.51 -22.04
C22 VI4 L . 19.76 -7.33 -20.77
C21 VI4 L . 18.78 -6.35 -20.55
C20 VI4 L . 18.34 -5.57 -21.61
C01 VI4 L . 22.23 -9.27 -28.54
C02 VI4 L . 21.82 -8.91 -27.13
C03 VI4 L . 23.02 -8.35 -26.38
C04 VI4 L . 23.47 -7.02 -26.89
C05 VI4 L . 22.37 -6.08 -27.16
C06 VI4 L . 21.10 -6.66 -27.75
C09 VI4 L . 19.69 -4.92 -28.71
C26 VI4 L . 19.44 -5.71 -25.09
C27 VI4 L . 19.40 -5.27 -26.51
C28 VI4 L . 16.70 -3.19 -23.77
C30 VI4 L . 16.65 -2.48 -25.99
N08 VI4 L . 20.09 -5.67 -27.63
N25 VI4 L . 20.16 -6.67 -24.45
N29 VI4 L . 16.07 -2.26 -24.68
N32 VI4 L . 24.36 -6.40 -25.83
O07 VI4 L . 20.70 -7.97 -27.15
O31 VI4 L . 16.36 -1.88 -26.98
O33 VI4 L . 22.71 -8.19 -24.98
#